data_7XJL
#
_entry.id   7XJL
#
_cell.length_a   1.00
_cell.length_b   1.00
_cell.length_c   1.00
_cell.angle_alpha   90.00
_cell.angle_beta   90.00
_cell.angle_gamma   90.00
#
_symmetry.space_group_name_H-M   'P 1'
#
loop_
_entity.id
_entity.type
_entity.pdbx_description
1 polymer spexin
2 polymer 'Guanine nucleotide-binding protein G(q) subunit alpha'
3 polymer 'Guanine nucleotide-binding protein G(I)/G(S)/G(T) subunit beta-1'
4 polymer 'Guanine nucleotide-binding protein G(I)/G(S)/G(O) subunit gamma-2'
5 polymer 'single-chain variable fragment (scFv16)'
6 polymer 'Galanin receptor type 2'
#
loop_
_entity_poly.entity_id
_entity_poly.type
_entity_poly.pdbx_seq_one_letter_code
_entity_poly.pdbx_strand_id
1 'polypeptide(L)' NWTPQAMLYLKGAQ A
2 'polypeptide(L)'
;GPMGSTVSAEDKAAAERSKMIDKNLREDGEKARRTLRLLLLGADNSGKSTIVKQMRILHGGSGGSGGTSGIFETKFQVDK
VNFHMFDVGGQRDERRKWIQCFNDVTAIIFVVDSSDYNRLQEALNDFKSIWNNRWLRTISVILFLNKQDLLAEKVLAGKS
KIEDYFPEFARYTTPEAATPEPGDDPRVTRAKYFIRKEFVDISTASGDGRHICYPHFTCAVDTENARRIFNDCKDIILQM
NLREYNLV
;
B
3 'polypeptide(L)'
;HHHHHHGSMSELDQLRQEAEQLKNQIRDARKACADATLSQITNNIDPVGRIQMRTRRTLRGHLAKIYAMHWGTDSRLLVS
ASQDGKLIIWDSYTTNKVHAIPLRSSWVMTCAYAPSGNYVACGGLDNICSIYNLKTREGNVRVSRELAGHTGYLSCCRFL
DDNQIVTSSGDTTCALWDIETGQQTTTFTGHTGDVMSLSLAPDTRLFVSGACDASAKLWDVREGMCRQTFTGHESDINAI
CFFPNGNAFATGSDDATCRLFDLRADQELMTYSHDNIICGITSVSFSKSGRLLLAGYDDFNCNVWDALKADRAGVLAGHD
NRVSCLGVTDDGMAVATGSWDSFLKIWN
;
C
4 'polypeptide(L)' MASNNTASIAQARKLVEQLKMEANIDRIKVSKAAADLMAYCEAHAKEDPLLTPVPASENPFREKKFFSAIL D
5 'polypeptide(L)'
;GRPDVQLVESGGGLVQPGGSRKLSCSASGFAFSSFGMHWVRQAPEKGLEWVAYISSGSGTIYYADTVKGRFTISRDDPKN
TLFLQMTSLRSEDTAMYYCVRSIYYYGSSPFDFWGQGTTLTVSSGGGGSGGGGSGGGGSDIVMTQATSSVPVTPGESVSI
SCRSSKSLLHSNGNTYLYWFLQRPGQSPQLLIYRMSNLASGVPDRFSGSGSGTAFTLTISRLEAEDVGVYYCMQHLEYPL
TFGAGTKLELKAAAGAPLEVLFQGPGAWSHPQFEKGAEDQVDPRLIDGKGAAHHHHHHHH
;
E
6 'polypeptide(L)'
;DYKDDDDKGSMNVSGCPGAGNASQAGGGGGWHPEAVIVPLLFALIFLVGTVGNTLVLAVLLRGGQAVSTTNLFILNLGVA
DLCFILCCVPFQATIYTLDGWVFGSLLCKAVHFLIFLTMHASSFTLAAVSLDRYLAIRYPLHSRELRTPRNALAAIGLIW
GLSLLFSGPYLSYYQQSQLANLTVCHPAWSAPRRRAMDICTFVFSYLLPVLVLGLTYARTLRYLWRAVDPVAAGSGARRA
KRKVTRMILIVAALFCLCWMPHHALILCVWFGQFPLTRATYALRILSHLVSYANSCVNPIVYALVSKHFRKGFRTICAGL
LGRAGSLEVLFQ
;
F
#
# COMPACT_ATOMS: atom_id res chain seq x y z
N ASN A 1 48.55 -17.46 -30.63
CA ASN A 1 49.83 -17.62 -29.95
C ASN A 1 49.94 -16.74 -28.71
N TRP A 2 51.05 -16.89 -27.98
CA TRP A 2 51.29 -16.12 -26.76
C TRP A 2 51.81 -14.74 -27.13
N THR A 3 50.90 -13.77 -27.13
CA THR A 3 51.29 -12.39 -27.34
C THR A 3 52.18 -11.92 -26.20
N PRO A 4 53.18 -11.06 -26.47
CA PRO A 4 54.03 -10.58 -25.37
C PRO A 4 53.25 -9.95 -24.22
N GLN A 5 52.16 -9.24 -24.51
CA GLN A 5 51.34 -8.69 -23.43
C GLN A 5 50.77 -9.80 -22.55
N ALA A 6 50.26 -10.86 -23.18
CA ALA A 6 49.70 -11.98 -22.41
C ALA A 6 50.77 -12.66 -21.58
N MET A 7 51.95 -12.87 -22.16
CA MET A 7 53.04 -13.52 -21.43
C MET A 7 53.47 -12.68 -20.23
N LEU A 8 53.61 -11.36 -20.42
CA LEU A 8 54.00 -10.50 -19.31
C LEU A 8 52.91 -10.38 -18.27
N TYR A 9 51.64 -10.43 -18.70
CA TYR A 9 50.53 -10.37 -17.75
C TYR A 9 50.48 -11.63 -16.89
N LEU A 10 50.73 -12.79 -17.50
CA LEU A 10 50.70 -14.04 -16.74
C LEU A 10 51.91 -14.17 -15.83
N LYS A 11 53.11 -13.87 -16.35
CA LYS A 11 54.33 -14.05 -15.58
C LYS A 11 54.73 -12.81 -14.78
N GLY A 12 54.03 -11.69 -14.94
CA GLY A 12 54.35 -10.50 -14.18
C GLY A 12 55.59 -9.82 -14.70
N ALA A 13 56.55 -9.57 -13.82
CA ALA A 13 57.78 -8.88 -14.21
C ALA A 13 58.57 -9.71 -15.23
N GLN A 14 58.66 -11.02 -15.00
CA GLN A 14 59.41 -11.90 -15.90
C GLN A 14 58.47 -12.61 -16.88
N VAL B 7 10.42 25.07 -0.94
CA VAL B 7 9.30 24.77 -0.05
C VAL B 7 9.29 25.73 1.13
N SER B 8 8.11 25.91 1.73
CA SER B 8 7.97 26.81 2.87
C SER B 8 8.29 26.07 4.17
N ALA B 9 8.39 26.83 5.25
CA ALA B 9 8.61 26.22 6.56
C ALA B 9 7.43 25.35 6.96
N GLU B 10 6.20 25.81 6.66
CA GLU B 10 5.02 24.98 6.92
C GLU B 10 5.07 23.70 6.11
N ASP B 11 5.51 23.77 4.86
CA ASP B 11 5.63 22.58 4.03
C ASP B 11 6.67 21.62 4.60
N LYS B 12 7.81 22.15 5.08
CA LYS B 12 8.83 21.29 5.68
C LYS B 12 8.32 20.62 6.95
N ALA B 13 7.58 21.36 7.78
CA ALA B 13 7.02 20.77 8.99
C ALA B 13 5.98 19.70 8.64
N ALA B 14 5.17 19.95 7.60
CA ALA B 14 4.22 18.94 7.16
C ALA B 14 4.93 17.70 6.64
N ALA B 15 6.05 17.89 5.94
CA ALA B 15 6.84 16.74 5.48
C ALA B 15 7.41 15.96 6.65
N GLU B 16 7.87 16.65 7.69
CA GLU B 16 8.36 15.97 8.88
C GLU B 16 7.24 15.19 9.56
N ARG B 17 6.05 15.78 9.64
CA ARG B 17 4.90 15.07 10.21
C ARG B 17 4.57 13.83 9.37
N SER B 18 4.60 13.95 8.05
CA SER B 18 4.35 12.81 7.18
C SER B 18 5.40 11.73 7.37
N LYS B 19 6.66 12.12 7.53
CA LYS B 19 7.71 11.13 7.78
C LYS B 19 7.49 10.39 9.10
N MET B 20 7.10 11.12 10.15
CA MET B 20 6.81 10.47 11.42
C MET B 20 5.62 9.53 11.29
N ILE B 21 4.58 9.95 10.56
CA ILE B 21 3.42 9.11 10.35
C ILE B 21 3.80 7.84 9.60
N ASP B 22 4.66 7.98 8.58
CA ASP B 22 5.11 6.82 7.82
C ASP B 22 5.95 5.88 8.70
N LYS B 23 6.78 6.43 9.57
CA LYS B 23 7.56 5.60 10.48
C LYS B 23 6.64 4.82 11.42
N ASN B 24 5.62 5.49 11.96
CA ASN B 24 4.65 4.81 12.82
C ASN B 24 3.91 3.73 12.04
N LEU B 25 3.55 4.02 10.78
CA LEU B 25 2.88 3.04 9.94
C LEU B 25 3.76 1.81 9.73
N ARG B 26 5.04 2.02 9.44
CA ARG B 26 5.96 0.91 9.24
C ARG B 26 6.12 0.08 10.50
N GLU B 27 6.23 0.75 11.66
CA GLU B 27 6.35 0.03 12.92
C GLU B 27 5.11 -0.81 13.20
N ASP B 28 3.92 -0.23 12.99
CA ASP B 28 2.68 -0.96 13.22
C ASP B 28 2.55 -2.14 12.25
N GLY B 29 2.92 -1.94 10.99
CA GLY B 29 2.86 -3.03 10.04
C GLY B 29 3.83 -4.15 10.38
N GLU B 30 5.04 -3.81 10.81
CA GLU B 30 6.00 -4.83 11.22
C GLU B 30 5.50 -5.59 12.44
N LYS B 31 4.90 -4.89 13.39
CA LYS B 31 4.35 -5.55 14.57
C LYS B 31 3.20 -6.47 14.20
N ALA B 32 2.35 -6.05 13.27
CA ALA B 32 1.17 -6.85 12.91
C ALA B 32 1.52 -8.04 12.02
N ARG B 33 2.56 -7.92 11.19
CA ARG B 33 2.90 -9.00 10.28
C ARG B 33 3.49 -10.21 10.98
N ARG B 34 3.86 -10.10 12.26
CA ARG B 34 4.44 -11.21 13.00
C ARG B 34 3.41 -12.27 13.37
N THR B 35 2.13 -11.98 13.24
CA THR B 35 1.07 -12.92 13.60
C THR B 35 0.54 -13.62 12.36
N LEU B 36 0.21 -14.90 12.51
CA LEU B 36 -0.28 -15.73 11.42
C LEU B 36 -1.80 -15.79 11.49
N ARG B 37 -2.46 -15.32 10.44
CA ARG B 37 -3.91 -15.23 10.43
C ARG B 37 -4.53 -16.38 9.65
N LEU B 38 -5.63 -16.92 10.18
CA LEU B 38 -6.35 -18.01 9.54
C LEU B 38 -7.80 -17.63 9.31
N LEU B 39 -8.54 -18.44 8.57
CA LEU B 39 -9.96 -18.20 8.38
C LEU B 39 -10.74 -19.50 8.56
N LEU B 40 -11.65 -19.53 9.53
CA LEU B 40 -12.38 -20.74 9.89
C LEU B 40 -13.73 -20.73 9.19
N LEU B 41 -14.07 -21.86 8.54
CA LEU B 41 -15.34 -22.03 7.86
C LEU B 41 -15.98 -23.36 8.22
N GLY B 42 -17.31 -23.38 8.20
CA GLY B 42 -18.06 -24.58 8.49
C GLY B 42 -19.52 -24.37 8.17
N ALA B 43 -20.36 -25.23 8.73
CA ALA B 43 -21.80 -25.17 8.50
C ALA B 43 -22.50 -25.56 9.79
N ASP B 44 -23.82 -25.75 9.71
CA ASP B 44 -24.58 -26.21 10.86
C ASP B 44 -24.19 -27.65 11.19
N ASN B 45 -24.25 -27.97 12.48
CA ASN B 45 -23.85 -29.28 13.00
C ASN B 45 -22.39 -29.59 12.68
N SER B 46 -21.58 -28.55 12.53
CA SER B 46 -20.14 -28.69 12.36
C SER B 46 -19.45 -28.04 13.54
N GLY B 47 -18.55 -28.79 14.18
CA GLY B 47 -17.99 -28.36 15.45
C GLY B 47 -16.97 -27.25 15.36
N LYS B 48 -17.35 -26.10 14.81
CA LYS B 48 -16.47 -24.94 14.85
C LYS B 48 -16.21 -24.50 16.30
N SER B 49 -17.29 -24.45 17.11
CA SER B 49 -17.16 -23.93 18.46
C SER B 49 -16.27 -24.81 19.33
N THR B 50 -16.45 -26.12 19.25
CA THR B 50 -15.64 -27.02 20.09
C THR B 50 -14.16 -26.96 19.70
N ILE B 51 -13.88 -26.92 18.40
CA ILE B 51 -12.49 -26.83 17.95
C ILE B 51 -11.86 -25.51 18.39
N VAL B 52 -12.57 -24.40 18.18
CA VAL B 52 -11.97 -23.11 18.51
C VAL B 52 -11.81 -22.96 20.03
N LYS B 53 -12.71 -23.56 20.81
CA LYS B 53 -12.58 -23.51 22.26
C LYS B 53 -11.51 -24.48 22.75
N GLN B 54 -11.17 -25.48 21.94
CA GLN B 54 -10.10 -26.40 22.32
C GLN B 54 -8.77 -25.67 22.46
N MET B 55 -8.46 -24.78 21.53
CA MET B 55 -7.21 -24.02 21.58
C MET B 55 -7.33 -22.73 22.40
N ARG B 56 -8.49 -22.42 22.94
CA ARG B 56 -8.68 -21.18 23.69
C ARG B 56 -7.98 -21.23 25.03
N GLY B 70 -20.40 -9.10 14.91
CA GLY B 70 -20.55 -9.66 13.57
C GLY B 70 -19.48 -10.67 13.21
N ILE B 71 -18.23 -10.31 13.48
CA ILE B 71 -17.08 -11.16 13.22
C ILE B 71 -16.42 -11.51 14.55
N PHE B 72 -16.06 -12.78 14.72
CA PHE B 72 -15.45 -13.24 15.95
C PHE B 72 -14.01 -13.65 15.69
N GLU B 73 -13.16 -13.44 16.70
CA GLU B 73 -11.73 -13.62 16.53
C GLU B 73 -11.13 -14.20 17.80
N THR B 74 -10.09 -15.02 17.65
CA THR B 74 -9.44 -15.68 18.77
C THR B 74 -7.92 -15.63 18.66
N LYS B 75 -7.29 -15.57 19.82
CA LYS B 75 -5.83 -15.68 19.98
C LYS B 75 -5.49 -17.14 20.25
N PHE B 76 -4.31 -17.56 19.82
CA PHE B 76 -3.61 -18.67 20.48
C PHE B 76 -2.15 -18.67 20.06
N GLN B 77 -1.36 -19.47 20.75
CA GLN B 77 0.09 -19.46 20.56
C GLN B 77 0.63 -20.89 20.64
N VAL B 78 1.45 -21.25 19.66
CA VAL B 78 2.11 -22.55 19.63
C VAL B 78 3.58 -22.35 19.32
N ASP B 79 4.45 -22.84 20.21
CA ASP B 79 5.90 -22.79 20.02
C ASP B 79 6.38 -21.38 19.69
N LYS B 80 5.93 -20.41 20.49
CA LYS B 80 6.29 -19.01 20.33
C LYS B 80 5.87 -18.46 18.97
N VAL B 81 4.79 -18.99 18.41
CA VAL B 81 4.22 -18.52 17.16
C VAL B 81 2.76 -18.17 17.41
N ASN B 82 2.38 -16.94 17.07
CA ASN B 82 1.04 -16.43 17.37
C ASN B 82 0.11 -16.66 16.18
N PHE B 83 -1.05 -17.26 16.45
CA PHE B 83 -2.08 -17.47 15.45
C PHE B 83 -3.35 -16.73 15.86
N HIS B 84 -3.97 -16.12 14.85
CA HIS B 84 -5.19 -15.33 15.01
C HIS B 84 -6.26 -15.92 14.10
N MET B 85 -7.40 -16.30 14.68
CA MET B 85 -8.44 -17.01 13.94
C MET B 85 -9.68 -16.13 13.80
N PHE B 86 -10.22 -16.06 12.58
CA PHE B 86 -11.42 -15.31 12.27
C PHE B 86 -12.55 -16.24 11.82
N ASP B 87 -13.73 -16.06 12.40
CA ASP B 87 -14.93 -16.72 11.91
C ASP B 87 -16.07 -15.70 11.81
N VAL B 88 -16.81 -15.77 10.71
CA VAL B 88 -17.90 -14.83 10.44
C VAL B 88 -19.22 -15.52 10.75
N GLY B 89 -20.06 -14.85 11.55
CA GLY B 89 -21.36 -15.39 11.91
C GLY B 89 -22.49 -14.79 11.10
N ASP B 93 -25.66 -17.16 4.35
CA ASP B 93 -25.30 -17.83 3.11
C ASP B 93 -24.75 -16.83 2.09
N GLU B 94 -24.41 -17.33 0.90
CA GLU B 94 -23.87 -16.52 -0.19
C GLU B 94 -22.62 -15.75 0.26
N ARG B 95 -21.59 -16.51 0.64
CA ARG B 95 -20.34 -15.95 1.12
C ARG B 95 -19.44 -15.47 0.01
N ARG B 96 -19.93 -15.36 -1.22
CA ARG B 96 -19.10 -15.00 -2.36
C ARG B 96 -18.57 -13.57 -2.29
N LYS B 97 -19.08 -12.74 -1.38
CA LYS B 97 -18.67 -11.35 -1.29
C LYS B 97 -17.69 -11.07 -0.16
N TRP B 98 -18.03 -11.45 1.07
CA TRP B 98 -17.14 -11.18 2.18
C TRP B 98 -15.94 -12.12 2.21
N ILE B 99 -15.92 -13.16 1.39
CA ILE B 99 -14.75 -14.02 1.28
C ILE B 99 -13.61 -13.35 0.51
N GLN B 100 -13.90 -12.27 -0.21
CA GLN B 100 -12.85 -11.53 -0.90
C GLN B 100 -11.92 -10.83 0.09
N CYS B 101 -12.42 -10.54 1.30
CA CYS B 101 -11.58 -9.90 2.31
C CYS B 101 -10.41 -10.81 2.70
N PHE B 102 -10.67 -12.11 2.83
CA PHE B 102 -9.65 -13.05 3.27
C PHE B 102 -9.03 -13.75 2.06
N ASN B 103 -8.28 -12.96 1.29
CA ASN B 103 -7.50 -13.50 0.18
C ASN B 103 -5.99 -13.41 0.41
N ASP B 104 -5.56 -12.80 1.51
CA ASP B 104 -4.16 -12.73 1.87
C ASP B 104 -3.85 -13.53 3.13
N VAL B 105 -4.85 -14.20 3.70
CA VAL B 105 -4.61 -15.00 4.91
C VAL B 105 -3.71 -16.19 4.58
N THR B 106 -3.07 -16.72 5.62
CA THR B 106 -2.14 -17.83 5.43
C THR B 106 -2.87 -19.13 5.10
N ALA B 107 -4.02 -19.38 5.73
CA ALA B 107 -4.72 -20.63 5.48
C ALA B 107 -6.20 -20.48 5.82
N ILE B 108 -7.01 -21.29 5.15
CA ILE B 108 -8.43 -21.41 5.44
C ILE B 108 -8.69 -22.80 6.01
N ILE B 109 -9.11 -22.84 7.27
CA ILE B 109 -9.53 -24.06 7.92
C ILE B 109 -10.99 -24.29 7.56
N PHE B 110 -11.30 -25.50 7.10
CA PHE B 110 -12.64 -25.87 6.69
C PHE B 110 -13.03 -27.13 7.45
N VAL B 111 -14.04 -27.02 8.31
CA VAL B 111 -14.49 -28.14 9.14
C VAL B 111 -15.70 -28.79 8.47
N VAL B 112 -15.75 -30.11 8.51
CA VAL B 112 -16.86 -30.88 7.94
C VAL B 112 -17.26 -31.96 8.93
N ASP B 113 -18.57 -32.15 9.08
CA ASP B 113 -19.13 -33.20 9.94
C ASP B 113 -19.11 -34.50 9.17
N SER B 114 -18.09 -35.32 9.41
CA SER B 114 -17.97 -36.60 8.73
C SER B 114 -19.02 -37.60 9.18
N SER B 115 -19.60 -37.41 10.37
CA SER B 115 -20.59 -38.35 10.88
C SER B 115 -21.91 -38.29 10.11
N ASP B 116 -22.39 -37.09 9.80
CA ASP B 116 -23.67 -36.93 9.13
C ASP B 116 -23.49 -37.18 7.62
N TYR B 117 -24.36 -38.01 7.05
CA TYR B 117 -24.33 -38.32 5.64
C TYR B 117 -25.31 -37.51 4.81
N ASN B 118 -26.36 -36.97 5.43
CA ASN B 118 -27.36 -36.21 4.68
C ASN B 118 -26.76 -34.95 4.08
N ARG B 119 -25.97 -34.22 4.85
CA ARG B 119 -25.41 -32.94 4.42
C ARG B 119 -23.96 -33.05 3.98
N LEU B 120 -23.42 -34.27 3.82
CA LEU B 120 -22.04 -34.40 3.39
C LEU B 120 -21.87 -34.01 1.93
N GLN B 121 -22.89 -34.28 1.10
CA GLN B 121 -22.80 -33.95 -0.31
C GLN B 121 -22.78 -32.44 -0.53
N GLU B 122 -23.63 -31.71 0.20
CA GLU B 122 -23.59 -30.26 0.10
C GLU B 122 -22.30 -29.71 0.68
N ALA B 123 -21.71 -30.43 1.65
CA ALA B 123 -20.39 -30.06 2.13
C ALA B 123 -19.34 -30.21 1.03
N LEU B 124 -19.45 -31.28 0.24
CA LEU B 124 -18.57 -31.45 -0.92
C LEU B 124 -18.75 -30.31 -1.91
N ASN B 125 -20.01 -29.93 -2.16
CA ASN B 125 -20.27 -28.82 -3.07
C ASN B 125 -19.67 -27.51 -2.54
N ASP B 126 -19.82 -27.27 -1.23
CA ASP B 126 -19.25 -26.07 -0.63
C ASP B 126 -17.72 -26.07 -0.74
N PHE B 127 -17.10 -27.22 -0.49
CA PHE B 127 -15.65 -27.31 -0.62
C PHE B 127 -15.21 -27.09 -2.05
N LYS B 128 -15.96 -27.60 -3.02
CA LYS B 128 -15.65 -27.36 -4.43
C LYS B 128 -15.79 -25.89 -4.79
N SER B 129 -16.81 -25.21 -4.27
CA SER B 129 -16.97 -23.78 -4.52
C SER B 129 -15.82 -22.99 -3.91
N ILE B 130 -15.41 -23.34 -2.70
CA ILE B 130 -14.32 -22.64 -2.02
C ILE B 130 -12.98 -22.88 -2.73
N TRP B 131 -12.70 -24.14 -3.08
CA TRP B 131 -11.41 -24.47 -3.69
C TRP B 131 -11.26 -23.83 -5.06
N ASN B 132 -12.31 -23.88 -5.87
CA ASN B 132 -12.28 -23.33 -7.22
C ASN B 132 -12.66 -21.86 -7.26
N ASN B 133 -12.73 -21.20 -6.10
CA ASN B 133 -12.99 -19.77 -6.07
C ASN B 133 -11.87 -19.03 -6.78
N ARG B 134 -12.24 -18.01 -7.56
CA ARG B 134 -11.26 -17.30 -8.35
C ARG B 134 -10.31 -16.48 -7.48
N TRP B 135 -10.78 -16.05 -6.31
CA TRP B 135 -9.98 -15.15 -5.49
C TRP B 135 -9.27 -15.85 -4.34
N LEU B 136 -9.51 -17.15 -4.16
CA LEU B 136 -8.71 -17.99 -3.28
C LEU B 136 -7.76 -18.89 -4.06
N ARG B 137 -7.25 -18.40 -5.20
CA ARG B 137 -6.42 -19.18 -6.10
C ARG B 137 -5.05 -19.50 -5.51
N THR B 138 -4.67 -18.87 -4.40
CA THR B 138 -3.38 -19.16 -3.79
C THR B 138 -3.49 -19.34 -2.28
N ILE B 139 -4.68 -19.61 -1.74
CA ILE B 139 -4.88 -19.76 -0.31
C ILE B 139 -5.07 -21.24 -0.02
N SER B 140 -4.15 -21.82 0.75
CA SER B 140 -4.23 -23.23 1.09
C SER B 140 -5.34 -23.49 2.10
N VAL B 141 -5.84 -24.71 2.10
CA VAL B 141 -6.96 -25.12 2.94
C VAL B 141 -6.52 -26.27 3.83
N ILE B 142 -6.80 -26.13 5.13
CA ILE B 142 -6.60 -27.19 6.11
C ILE B 142 -7.99 -27.72 6.45
N LEU B 143 -8.25 -28.98 6.14
CA LEU B 143 -9.60 -29.53 6.19
C LEU B 143 -9.69 -30.52 7.35
N PHE B 144 -10.74 -30.36 8.17
CA PHE B 144 -10.90 -31.10 9.42
C PHE B 144 -12.16 -31.95 9.36
N LEU B 145 -12.01 -33.27 9.42
CA LEU B 145 -13.13 -34.19 9.52
C LEU B 145 -13.51 -34.30 11.00
N ASN B 146 -14.33 -33.36 11.46
CA ASN B 146 -14.66 -33.31 12.87
C ASN B 146 -15.57 -34.47 13.27
N LYS B 147 -15.59 -34.74 14.58
CA LYS B 147 -16.46 -35.76 15.17
C LYS B 147 -16.19 -37.14 14.56
N GLN B 148 -14.97 -37.63 14.75
CA GLN B 148 -14.61 -38.95 14.23
C GLN B 148 -15.23 -40.07 15.08
N ASP B 149 -15.35 -39.86 16.38
CA ASP B 149 -15.98 -40.87 17.24
C ASP B 149 -17.43 -41.09 16.86
N LEU B 150 -18.16 -40.03 16.52
CA LEU B 150 -19.53 -40.19 16.05
C LEU B 150 -19.59 -41.00 14.76
N LEU B 151 -18.64 -40.76 13.85
CA LEU B 151 -18.57 -41.55 12.63
C LEU B 151 -18.31 -43.01 12.93
N ALA B 152 -17.38 -43.29 13.86
CA ALA B 152 -17.10 -44.67 14.22
C ALA B 152 -18.33 -45.35 14.83
N GLU B 153 -19.04 -44.63 15.71
CA GLU B 153 -20.26 -45.18 16.30
C GLU B 153 -21.34 -45.44 15.25
N LYS B 154 -21.50 -44.52 14.29
CA LYS B 154 -22.49 -44.72 13.24
C LYS B 154 -22.12 -45.91 12.37
N VAL B 155 -20.84 -46.08 12.06
CA VAL B 155 -20.40 -47.24 11.29
C VAL B 155 -20.65 -48.53 12.07
N LEU B 156 -20.34 -48.54 13.37
CA LEU B 156 -20.56 -49.73 14.19
C LEU B 156 -22.04 -50.09 14.30
N ALA B 157 -22.91 -49.08 14.40
CA ALA B 157 -24.34 -49.35 14.53
C ALA B 157 -24.88 -50.05 13.28
N GLY B 158 -24.48 -49.59 12.10
CA GLY B 158 -24.93 -50.20 10.87
C GLY B 158 -26.29 -49.75 10.38
N LYS B 159 -26.96 -48.86 11.11
CA LYS B 159 -28.28 -48.38 10.67
C LYS B 159 -28.17 -47.59 9.37
N SER B 160 -27.13 -46.77 9.24
CA SER B 160 -26.90 -45.95 8.06
C SER B 160 -25.77 -46.54 7.24
N LYS B 161 -25.99 -46.70 5.95
CA LYS B 161 -25.01 -47.27 5.03
C LYS B 161 -24.53 -46.21 4.05
N ILE B 162 -23.21 -46.18 3.82
CA ILE B 162 -22.65 -45.20 2.89
C ILE B 162 -23.12 -45.48 1.47
N GLU B 163 -23.28 -46.76 1.11
CA GLU B 163 -23.73 -47.12 -0.23
C GLU B 163 -25.12 -46.58 -0.53
N ASP B 164 -25.94 -46.34 0.50
CA ASP B 164 -27.25 -45.75 0.28
C ASP B 164 -27.13 -44.34 -0.29
N TYR B 165 -26.19 -43.56 0.22
CA TYR B 165 -25.98 -42.21 -0.27
C TYR B 165 -24.94 -42.13 -1.37
N PHE B 166 -23.84 -42.87 -1.26
CA PHE B 166 -22.77 -42.87 -2.26
C PHE B 166 -22.64 -44.26 -2.86
N PRO B 167 -23.17 -44.50 -4.06
CA PRO B 167 -23.10 -45.85 -4.64
C PRO B 167 -21.68 -46.35 -4.86
N GLU B 168 -20.72 -45.45 -5.09
CA GLU B 168 -19.35 -45.87 -5.37
C GLU B 168 -18.64 -46.46 -4.16
N PHE B 169 -19.22 -46.34 -2.97
CA PHE B 169 -18.58 -46.90 -1.77
C PHE B 169 -18.52 -48.42 -1.83
N ALA B 170 -19.50 -49.06 -2.48
CA ALA B 170 -19.52 -50.51 -2.53
C ALA B 170 -18.30 -51.07 -3.27
N ARG B 171 -17.92 -50.45 -4.38
CA ARG B 171 -16.77 -50.90 -5.14
C ARG B 171 -15.46 -50.36 -4.60
N TYR B 172 -15.49 -49.42 -3.67
CA TYR B 172 -14.27 -48.85 -3.12
C TYR B 172 -13.60 -49.83 -2.15
N THR B 173 -12.28 -49.79 -2.12
CA THR B 173 -11.49 -50.61 -1.21
C THR B 173 -10.41 -49.75 -0.57
N THR B 174 -9.99 -50.16 0.63
CA THR B 174 -8.95 -49.43 1.35
C THR B 174 -7.63 -49.54 0.60
N PRO B 175 -6.98 -48.42 0.28
CA PRO B 175 -5.71 -48.49 -0.44
C PRO B 175 -4.61 -49.06 0.43
N GLU B 176 -3.63 -49.68 -0.23
CA GLU B 176 -2.52 -50.31 0.48
C GLU B 176 -1.56 -49.25 1.03
N ALA B 177 -0.66 -49.71 1.90
CA ALA B 177 0.32 -48.84 2.57
C ALA B 177 -0.36 -47.72 3.33
N ALA B 178 -1.50 -48.02 3.97
CA ALA B 178 -2.24 -47.01 4.70
C ALA B 178 -1.69 -46.80 6.11
N THR B 179 -1.72 -47.86 6.93
CA THR B 179 -1.31 -47.79 8.33
C THR B 179 -1.97 -46.63 9.06
N PRO B 180 -3.31 -46.64 9.17
CA PRO B 180 -4.01 -45.50 9.79
C PRO B 180 -3.59 -45.24 11.22
N GLU B 181 -3.81 -46.23 12.08
CA GLU B 181 -3.51 -46.12 13.51
C GLU B 181 -3.75 -47.49 14.12
N PRO B 182 -3.26 -47.73 15.33
CA PRO B 182 -3.50 -49.04 15.97
C PRO B 182 -4.82 -49.10 16.72
N GLY B 183 -5.70 -49.99 16.24
CA GLY B 183 -6.89 -50.33 16.99
C GLY B 183 -8.20 -49.71 16.54
N ASP B 184 -8.49 -49.70 15.24
CA ASP B 184 -9.84 -49.47 14.73
C ASP B 184 -10.23 -50.55 13.72
N ASP B 185 -11.53 -50.79 13.61
CA ASP B 185 -12.05 -51.81 12.73
C ASP B 185 -11.78 -51.46 11.27
N PRO B 186 -11.62 -52.48 10.41
CA PRO B 186 -11.35 -52.18 8.98
C PRO B 186 -12.44 -51.39 8.29
N ARG B 187 -13.71 -51.59 8.65
CA ARG B 187 -14.79 -50.83 8.01
C ARG B 187 -14.73 -49.35 8.39
N VAL B 188 -14.33 -49.04 9.63
CA VAL B 188 -14.16 -47.64 10.02
C VAL B 188 -13.08 -46.98 9.17
N THR B 189 -11.96 -47.68 8.98
CA THR B 189 -10.89 -47.17 8.12
C THR B 189 -11.37 -47.00 6.69
N ARG B 190 -12.14 -47.97 6.19
CA ARG B 190 -12.67 -47.89 4.83
C ARG B 190 -13.55 -46.65 4.67
N ALA B 191 -14.45 -46.41 5.62
CA ALA B 191 -15.33 -45.25 5.54
C ALA B 191 -14.54 -43.95 5.60
N LYS B 192 -13.60 -43.86 6.55
CA LYS B 192 -12.85 -42.62 6.72
C LYS B 192 -11.99 -42.33 5.49
N TYR B 193 -11.36 -43.36 4.91
CA TYR B 193 -10.56 -43.13 3.72
C TYR B 193 -11.42 -42.90 2.48
N PHE B 194 -12.64 -43.44 2.44
CA PHE B 194 -13.54 -43.09 1.35
C PHE B 194 -13.89 -41.60 1.40
N ILE B 195 -14.22 -41.10 2.59
CA ILE B 195 -14.54 -39.69 2.73
C ILE B 195 -13.32 -38.83 2.41
N ARG B 196 -12.15 -39.22 2.93
CA ARG B 196 -10.93 -38.46 2.67
C ARG B 196 -10.57 -38.48 1.19
N LYS B 197 -10.77 -39.62 0.51
CA LYS B 197 -10.51 -39.69 -0.92
C LYS B 197 -11.46 -38.79 -1.70
N GLU B 198 -12.74 -38.76 -1.32
CA GLU B 198 -13.68 -37.84 -1.95
C GLU B 198 -13.20 -36.39 -1.82
N PHE B 199 -12.87 -35.99 -0.59
CA PHE B 199 -12.45 -34.61 -0.35
C PHE B 199 -11.14 -34.29 -1.09
N VAL B 200 -10.19 -35.21 -1.07
CA VAL B 200 -8.89 -34.97 -1.70
C VAL B 200 -9.04 -34.91 -3.21
N ASP B 201 -9.92 -35.75 -3.78
CA ASP B 201 -10.17 -35.68 -5.21
C ASP B 201 -10.80 -34.34 -5.59
N ILE B 202 -11.76 -33.86 -4.79
CA ILE B 202 -12.34 -32.54 -5.05
C ILE B 202 -11.26 -31.47 -4.98
N SER B 203 -10.37 -31.56 -3.99
CA SER B 203 -9.31 -30.57 -3.85
C SER B 203 -8.33 -30.61 -5.02
N THR B 204 -7.92 -31.79 -5.44
CA THR B 204 -6.89 -31.95 -6.45
C THR B 204 -7.42 -31.98 -7.87
N ALA B 205 -8.74 -31.81 -8.05
CA ALA B 205 -9.29 -31.76 -9.40
C ALA B 205 -8.64 -30.65 -10.23
N SER B 206 -8.46 -29.47 -9.63
CA SER B 206 -7.84 -28.35 -10.32
C SER B 206 -6.85 -27.63 -9.41
N GLY B 207 -6.14 -28.39 -8.58
CA GLY B 207 -5.17 -27.77 -7.69
C GLY B 207 -4.00 -27.15 -8.42
N ASP B 208 -3.43 -27.87 -9.39
CA ASP B 208 -2.34 -27.40 -10.24
C ASP B 208 -1.08 -27.07 -9.43
N GLY B 209 -1.07 -27.42 -8.15
CA GLY B 209 0.12 -27.27 -7.33
C GLY B 209 0.34 -25.90 -6.73
N ARG B 210 -0.51 -24.91 -7.02
CA ARG B 210 -0.33 -23.60 -6.41
C ARG B 210 -0.73 -23.59 -4.95
N HIS B 211 -1.78 -24.33 -4.58
CA HIS B 211 -2.22 -24.44 -3.21
C HIS B 211 -2.78 -25.85 -3.00
N ILE B 212 -2.47 -26.44 -1.84
CA ILE B 212 -2.80 -27.82 -1.57
C ILE B 212 -3.64 -27.91 -0.30
N CYS B 213 -4.24 -29.07 -0.09
CA CYS B 213 -5.13 -29.33 1.04
C CYS B 213 -4.47 -30.30 1.99
N TYR B 214 -4.77 -30.16 3.28
CA TYR B 214 -4.20 -31.00 4.32
C TYR B 214 -5.32 -31.69 5.10
N PRO B 215 -5.76 -32.87 4.65
CA PRO B 215 -6.80 -33.59 5.39
C PRO B 215 -6.30 -34.09 6.73
N HIS B 216 -7.22 -34.15 7.69
CA HIS B 216 -6.89 -34.58 9.04
C HIS B 216 -8.11 -35.23 9.68
N PHE B 217 -7.86 -36.12 10.63
CA PHE B 217 -8.91 -36.84 11.35
C PHE B 217 -8.92 -36.35 12.79
N THR B 218 -9.80 -35.40 13.09
CA THR B 218 -9.92 -34.83 14.42
C THR B 218 -11.29 -35.15 15.02
N CYS B 219 -11.31 -35.27 16.34
CA CYS B 219 -12.54 -35.53 17.08
C CYS B 219 -12.84 -34.37 18.02
N ALA B 220 -13.99 -34.47 18.70
CA ALA B 220 -14.44 -33.38 19.56
C ALA B 220 -13.63 -33.28 20.84
N VAL B 221 -13.01 -34.39 21.28
CA VAL B 221 -12.26 -34.40 22.53
C VAL B 221 -10.77 -34.25 22.31
N ASP B 222 -10.29 -34.37 21.07
CA ASP B 222 -8.86 -34.26 20.79
C ASP B 222 -8.35 -32.87 21.17
N THR B 223 -7.23 -32.84 21.88
CA THR B 223 -6.59 -31.59 22.29
C THR B 223 -5.38 -31.22 21.44
N GLU B 224 -4.84 -32.15 20.65
CA GLU B 224 -3.69 -31.86 19.81
C GLU B 224 -4.15 -31.39 18.42
N ASN B 225 -5.05 -30.40 18.43
CA ASN B 225 -5.54 -29.79 17.21
C ASN B 225 -4.75 -28.55 16.82
N ALA B 226 -4.01 -27.94 17.74
CA ALA B 226 -3.16 -26.81 17.43
C ALA B 226 -1.87 -27.23 16.75
N ARG B 227 -1.33 -28.40 17.09
CA ARG B 227 -0.09 -28.86 16.48
C ARG B 227 -0.30 -29.19 15.01
N ARG B 228 -1.45 -29.77 14.66
CA ARG B 228 -1.75 -30.04 13.26
C ARG B 228 -1.78 -28.76 12.44
N ILE B 229 -2.46 -27.74 12.95
CA ILE B 229 -2.52 -26.45 12.27
C ILE B 229 -1.14 -25.84 12.16
N PHE B 230 -0.35 -25.94 13.24
CA PHE B 230 1.01 -25.40 13.23
C PHE B 230 1.85 -26.05 12.15
N ASN B 231 1.81 -27.38 12.07
CA ASN B 231 2.59 -28.09 11.06
C ASN B 231 2.11 -27.77 9.64
N ASP B 232 0.79 -27.72 9.44
CA ASP B 232 0.28 -27.43 8.10
C ASP B 232 0.65 -26.02 7.66
N CYS B 233 0.54 -25.03 8.55
CA CYS B 233 0.92 -23.68 8.18
C CYS B 233 2.42 -23.57 8.00
N LYS B 234 3.20 -24.35 8.74
CA LYS B 234 4.64 -24.41 8.54
C LYS B 234 4.96 -24.92 7.13
N ASP B 235 4.27 -25.97 6.70
CA ASP B 235 4.47 -26.48 5.34
C ASP B 235 4.04 -25.45 4.30
N ILE B 236 2.94 -24.73 4.55
CA ILE B 236 2.49 -23.69 3.62
C ILE B 236 3.55 -22.61 3.48
N ILE B 237 4.09 -22.14 4.60
CA ILE B 237 5.10 -21.08 4.55
C ILE B 237 6.39 -21.59 3.93
N LEU B 238 6.72 -22.88 4.15
CA LEU B 238 7.88 -23.46 3.49
C LEU B 238 7.71 -23.46 1.98
N GLN B 239 6.51 -23.83 1.51
CA GLN B 239 6.24 -23.78 0.07
C GLN B 239 6.32 -22.36 -0.46
N MET B 240 5.79 -21.39 0.30
CA MET B 240 5.87 -19.99 -0.13
C MET B 240 7.31 -19.52 -0.22
N ASN B 241 8.14 -19.89 0.76
CA ASN B 241 9.54 -19.51 0.72
C ASN B 241 10.26 -20.18 -0.44
N LEU B 242 9.95 -21.44 -0.72
CA LEU B 242 10.53 -22.11 -1.88
C LEU B 242 10.15 -21.39 -3.17
N ARG B 243 8.90 -20.91 -3.26
CA ARG B 243 8.50 -20.12 -4.42
C ARG B 243 9.25 -18.80 -4.47
N GLU B 244 9.56 -18.23 -3.30
CA GLU B 244 10.18 -16.91 -3.26
C GLU B 244 11.63 -16.95 -3.76
N TYR B 245 12.39 -17.96 -3.36
CA TYR B 245 13.77 -18.11 -3.80
C TYR B 245 13.91 -18.64 -5.22
N ASN B 246 12.82 -18.66 -5.99
CA ASN B 246 12.79 -19.08 -7.39
C ASN B 246 13.14 -20.55 -7.56
N LEU B 247 13.15 -21.34 -6.47
CA LEU B 247 13.41 -22.76 -6.59
C LEU B 247 12.30 -23.48 -7.36
N VAL B 248 11.05 -23.10 -7.12
CA VAL B 248 9.92 -23.67 -7.85
C VAL B 248 9.14 -22.56 -8.54
N GLU C 11 -56.89 -16.88 -5.46
CA GLU C 11 -56.19 -15.99 -4.53
C GLU C 11 -54.73 -15.80 -4.96
N LEU C 12 -53.90 -16.81 -4.67
CA LEU C 12 -52.50 -16.75 -5.07
C LEU C 12 -52.36 -16.71 -6.59
N ASP C 13 -53.16 -17.51 -7.30
CA ASP C 13 -53.11 -17.50 -8.76
C ASP C 13 -53.52 -16.15 -9.32
N GLN C 14 -54.54 -15.53 -8.73
CA GLN C 14 -54.96 -14.20 -9.19
C GLN C 14 -53.87 -13.17 -8.97
N LEU C 15 -53.20 -13.21 -7.81
CA LEU C 15 -52.11 -12.27 -7.55
C LEU C 15 -50.95 -12.50 -8.51
N ARG C 16 -50.62 -13.77 -8.79
CA ARG C 16 -49.56 -14.07 -9.74
C ARG C 16 -49.91 -13.56 -11.13
N GLN C 17 -51.17 -13.74 -11.55
CA GLN C 17 -51.60 -13.26 -12.85
C GLN C 17 -51.54 -11.73 -12.92
N GLU C 18 -51.94 -11.05 -11.83
CA GLU C 18 -51.86 -9.60 -11.80
C GLU C 18 -50.42 -9.12 -11.89
N ALA C 19 -49.51 -9.78 -11.17
CA ALA C 19 -48.11 -9.42 -11.24
C ALA C 19 -47.54 -9.66 -12.64
N GLU C 20 -47.93 -10.77 -13.27
CA GLU C 20 -47.47 -11.06 -14.62
C GLU C 20 -47.99 -10.02 -15.60
N GLN C 21 -49.25 -9.60 -15.46
CA GLN C 21 -49.80 -8.57 -16.33
C GLN C 21 -49.09 -7.24 -16.13
N LEU C 22 -48.79 -6.89 -14.88
CA LEU C 22 -48.05 -5.66 -14.60
C LEU C 22 -46.66 -5.70 -15.23
N LYS C 23 -45.98 -6.83 -15.09
CA LYS C 23 -44.66 -6.96 -15.71
C LYS C 23 -44.76 -6.89 -17.24
N ASN C 24 -45.80 -7.50 -17.81
CA ASN C 24 -45.98 -7.48 -19.26
C ASN C 24 -46.22 -6.06 -19.76
N GLN C 25 -47.03 -5.27 -19.04
CA GLN C 25 -47.29 -3.91 -19.50
C GLN C 25 -46.08 -3.02 -19.27
N ILE C 26 -45.29 -3.29 -18.22
CA ILE C 26 -44.02 -2.59 -18.07
C ILE C 26 -43.09 -2.89 -19.24
N ARG C 27 -43.02 -4.16 -19.65
CA ARG C 27 -42.18 -4.54 -20.78
C ARG C 27 -42.69 -3.90 -22.08
N ASP C 28 -44.01 -3.84 -22.26
CA ASP C 28 -44.56 -3.19 -23.44
C ASP C 28 -44.22 -1.71 -23.47
N ALA C 29 -44.34 -1.03 -22.33
CA ALA C 29 -43.96 0.38 -22.27
C ALA C 29 -42.47 0.56 -22.55
N ARG C 30 -41.64 -0.35 -22.03
CA ARG C 30 -40.21 -0.31 -22.30
C ARG C 30 -39.89 -0.49 -23.78
N LYS C 31 -40.53 -1.44 -24.44
CA LYS C 31 -40.31 -1.67 -25.85
C LYS C 31 -40.85 -0.55 -26.73
N ALA C 32 -41.94 0.10 -26.31
CA ALA C 32 -42.51 1.19 -27.09
C ALA C 32 -41.66 2.45 -27.05
N CYS C 33 -40.95 2.69 -25.95
CA CYS C 33 -40.14 3.89 -25.83
C CYS C 33 -38.84 3.82 -26.62
N ALA C 34 -38.40 2.62 -27.01
CA ALA C 34 -37.15 2.45 -27.73
C ALA C 34 -37.42 2.56 -29.22
N ASP C 35 -37.07 3.71 -29.80
CA ASP C 35 -37.22 3.96 -31.23
C ASP C 35 -35.89 3.90 -31.98
N ALA C 36 -34.89 4.64 -31.51
CA ALA C 36 -33.56 4.64 -32.12
C ALA C 36 -32.51 4.46 -31.05
N THR C 37 -31.51 3.65 -31.35
CA THR C 37 -30.41 3.40 -30.42
C THR C 37 -29.55 4.66 -30.28
N LEU C 38 -28.94 4.79 -29.10
CA LEU C 38 -28.10 5.96 -28.83
C LEU C 38 -26.89 5.98 -29.76
N SER C 39 -26.36 4.81 -30.11
CA SER C 39 -25.24 4.75 -31.04
C SER C 39 -25.61 5.28 -32.42
N GLN C 40 -26.81 4.98 -32.89
CA GLN C 40 -27.27 5.47 -34.19
C GLN C 40 -27.51 6.98 -34.20
N ILE C 41 -27.81 7.58 -33.06
CA ILE C 41 -28.05 9.01 -33.00
C ILE C 41 -26.74 9.79 -32.88
N THR C 42 -25.79 9.28 -32.08
CA THR C 42 -24.49 9.91 -31.92
C THR C 42 -23.45 9.36 -32.90
N ASN C 43 -23.90 8.81 -34.03
CA ASN C 43 -22.97 8.27 -35.01
C ASN C 43 -22.09 9.36 -35.60
N ASN C 44 -22.67 10.52 -35.91
CA ASN C 44 -21.91 11.63 -36.48
C ASN C 44 -21.36 12.55 -35.37
N ILE C 45 -20.60 11.93 -34.48
CA ILE C 45 -19.96 12.62 -33.36
C ILE C 45 -18.48 12.32 -33.40
N ASP C 46 -17.66 13.36 -33.35
CA ASP C 46 -16.21 13.18 -33.40
C ASP C 46 -15.75 12.41 -32.16
N PRO C 47 -14.93 11.38 -32.32
CA PRO C 47 -14.46 10.61 -31.16
C PRO C 47 -13.45 11.39 -30.35
N VAL C 48 -13.35 11.02 -29.07
CA VAL C 48 -12.44 11.70 -28.16
C VAL C 48 -11.00 11.31 -28.42
N GLY C 49 -10.76 10.24 -29.18
CA GLY C 49 -9.42 9.79 -29.45
C GLY C 49 -8.81 9.03 -28.29
N ARG C 50 -7.56 8.63 -28.48
CA ARG C 50 -6.83 7.90 -27.44
C ARG C 50 -6.33 8.88 -26.38
N ILE C 51 -6.59 8.56 -25.12
CA ILE C 51 -6.12 9.35 -23.98
C ILE C 51 -5.14 8.51 -23.19
N GLN C 52 -3.92 9.00 -23.02
CA GLN C 52 -2.88 8.32 -22.26
C GLN C 52 -2.57 9.13 -21.02
N MET C 53 -2.81 8.53 -19.85
CA MET C 53 -2.55 9.17 -18.57
C MET C 53 -1.47 8.40 -17.83
N ARG C 54 -0.48 9.11 -17.32
CA ARG C 54 0.64 8.51 -16.61
C ARG C 54 0.49 8.72 -15.11
N THR C 55 1.14 7.85 -14.34
CA THR C 55 1.08 7.92 -12.89
C THR C 55 1.90 9.11 -12.40
N ARG C 56 1.22 10.20 -12.05
CA ARG C 56 1.93 11.42 -11.66
C ARG C 56 2.66 11.23 -10.34
N ARG C 57 1.97 10.74 -9.31
CA ARG C 57 2.60 10.35 -8.06
C ARG C 57 1.94 9.08 -7.56
N THR C 58 2.74 8.16 -7.03
CA THR C 58 2.25 6.98 -6.32
C THR C 58 2.19 7.29 -4.84
N LEU C 59 1.11 6.86 -4.19
CA LEU C 59 0.91 7.13 -2.77
C LEU C 59 1.17 5.83 -2.01
N ARG C 60 2.43 5.61 -1.67
CA ARG C 60 2.86 4.44 -0.91
C ARG C 60 2.86 4.76 0.57
N GLY C 61 2.75 3.70 1.38
CA GLY C 61 2.72 3.87 2.82
C GLY C 61 1.77 2.91 3.49
N HIS C 62 0.87 2.32 2.69
CA HIS C 62 -0.04 1.31 3.20
C HIS C 62 0.67 -0.04 3.25
N LEU C 63 0.54 -0.72 4.38
CA LEU C 63 1.18 -2.01 4.58
C LEU C 63 0.26 -3.18 4.26
N ALA C 64 -0.93 -2.91 3.73
CA ALA C 64 -1.86 -3.96 3.35
C ALA C 64 -2.75 -3.48 2.22
N LYS C 65 -3.68 -4.33 1.82
CA LYS C 65 -4.53 -4.07 0.67
C LYS C 65 -5.63 -3.06 0.99
N ILE C 66 -6.11 -2.38 -0.05
CA ILE C 66 -6.99 -1.22 0.06
C ILE C 66 -8.35 -1.56 -0.56
N TYR C 67 -9.42 -1.04 0.05
CA TYR C 67 -10.78 -1.29 -0.43
C TYR C 67 -11.56 -0.07 -0.88
N ALA C 68 -11.25 1.13 -0.39
CA ALA C 68 -12.10 2.28 -0.69
C ALA C 68 -11.27 3.55 -0.69
N MET C 69 -11.83 4.59 -1.28
CA MET C 69 -11.20 5.91 -1.39
C MET C 69 -12.28 6.89 -1.85
N HIS C 70 -12.17 8.13 -1.38
CA HIS C 70 -13.14 9.17 -1.72
C HIS C 70 -12.44 10.53 -1.74
N TRP C 71 -12.56 11.22 -2.87
CA TRP C 71 -12.01 12.56 -3.00
C TRP C 71 -12.80 13.57 -2.16
N GLY C 72 -12.10 14.62 -1.73
CA GLY C 72 -12.73 15.69 -1.00
C GLY C 72 -13.38 16.73 -1.90
N THR C 73 -14.13 17.63 -1.26
CA THR C 73 -14.72 18.74 -1.99
C THR C 73 -13.65 19.67 -2.54
N ASP C 74 -12.60 19.93 -1.75
CA ASP C 74 -11.50 20.79 -2.20
C ASP C 74 -10.63 20.14 -3.26
N SER C 75 -10.84 18.86 -3.56
CA SER C 75 -10.08 18.11 -4.57
C SER C 75 -8.60 17.99 -4.22
N ARG C 76 -8.27 18.01 -2.93
CA ARG C 76 -6.89 17.84 -2.49
C ARG C 76 -6.70 16.65 -1.54
N LEU C 77 -7.71 16.30 -0.75
CA LEU C 77 -7.57 15.29 0.28
C LEU C 77 -8.27 14.00 -0.14
N LEU C 78 -7.56 12.88 0.00
CA LEU C 78 -8.11 11.55 -0.19
C LEU C 78 -8.14 10.83 1.14
N VAL C 79 -9.17 10.04 1.36
CA VAL C 79 -9.23 9.15 2.53
C VAL C 79 -9.35 7.71 2.03
N SER C 80 -8.31 6.92 2.29
CA SER C 80 -8.23 5.56 1.78
C SER C 80 -8.40 4.57 2.94
N ALA C 81 -9.23 3.56 2.72
CA ALA C 81 -9.48 2.53 3.71
C ALA C 81 -8.71 1.27 3.32
N SER C 82 -7.97 0.71 4.27
CA SER C 82 -7.13 -0.44 4.02
C SER C 82 -7.27 -1.45 5.16
N GLN C 83 -6.83 -2.68 4.87
CA GLN C 83 -6.96 -3.78 5.82
C GLN C 83 -5.82 -3.84 6.83
N ASP C 84 -4.84 -2.95 6.75
CA ASP C 84 -3.82 -2.84 7.79
C ASP C 84 -4.34 -2.13 9.04
N GLY C 85 -5.63 -1.83 9.12
CA GLY C 85 -6.20 -1.19 10.28
C GLY C 85 -6.01 0.31 10.33
N LYS C 86 -5.77 0.97 9.19
CA LYS C 86 -5.52 2.40 9.15
C LYS C 86 -6.42 3.06 8.13
N LEU C 87 -6.67 4.36 8.35
CA LEU C 87 -7.53 5.18 7.49
C LEU C 87 -6.77 6.42 7.05
N ILE C 88 -5.59 6.20 6.45
CA ILE C 88 -4.67 7.27 6.13
C ILE C 88 -5.35 8.33 5.27
N ILE C 89 -5.12 9.60 5.61
CA ILE C 89 -5.63 10.73 4.85
C ILE C 89 -4.45 11.34 4.11
N TRP C 90 -4.52 11.31 2.78
CA TRP C 90 -3.43 11.77 1.93
C TRP C 90 -3.74 13.14 1.35
N ASP C 91 -2.70 13.97 1.25
CA ASP C 91 -2.77 15.24 0.53
C ASP C 91 -2.28 14.98 -0.89
N SER C 92 -3.16 15.20 -1.87
CA SER C 92 -2.86 14.81 -3.24
C SER C 92 -1.69 15.60 -3.82
N TYR C 93 -1.61 16.90 -3.52
CA TYR C 93 -0.61 17.74 -4.15
C TYR C 93 0.80 17.32 -3.78
N THR C 94 1.05 17.08 -2.49
CA THR C 94 2.39 16.86 -1.98
C THR C 94 2.62 15.43 -1.47
N THR C 95 1.63 14.54 -1.63
CA THR C 95 1.73 13.16 -1.17
C THR C 95 2.01 13.10 0.34
N ASN C 96 1.39 14.00 1.09
CA ASN C 96 1.54 14.06 2.54
C ASN C 96 0.37 13.37 3.21
N LYS C 97 0.68 12.58 4.23
CA LYS C 97 -0.34 11.88 5.02
C LYS C 97 -0.79 12.82 6.13
N VAL C 98 -1.97 13.43 5.96
CA VAL C 98 -2.46 14.42 6.93
C VAL C 98 -2.76 13.75 8.27
N HIS C 99 -3.44 12.61 8.23
CA HIS C 99 -3.83 11.92 9.46
C HIS C 99 -3.66 10.42 9.29
N ALA C 100 -3.39 9.75 10.41
CA ALA C 100 -3.30 8.29 10.47
C ALA C 100 -4.28 7.82 11.54
N ILE C 101 -5.32 7.10 11.14
CA ILE C 101 -6.41 6.73 12.02
C ILE C 101 -6.37 5.22 12.22
N PRO C 102 -5.88 4.72 13.36
CA PRO C 102 -5.98 3.29 13.66
C PRO C 102 -7.41 2.93 14.07
N LEU C 103 -7.93 1.86 13.50
CA LEU C 103 -9.31 1.47 13.73
C LEU C 103 -9.40 0.23 14.61
N ARG C 104 -10.55 0.08 15.27
CA ARG C 104 -10.77 -1.08 16.12
C ARG C 104 -10.82 -2.37 15.30
N SER C 105 -11.45 -2.33 14.13
CA SER C 105 -11.60 -3.49 13.27
C SER C 105 -10.82 -3.28 11.98
N SER C 106 -10.02 -4.28 11.61
CA SER C 106 -9.17 -4.16 10.42
C SER C 106 -9.99 -4.30 9.14
N TRP C 107 -11.07 -5.07 9.18
CA TRP C 107 -11.85 -5.38 7.99
C TRP C 107 -12.66 -4.16 7.56
N VAL C 108 -12.42 -3.68 6.35
CA VAL C 108 -13.08 -2.49 5.82
C VAL C 108 -13.41 -2.71 4.35
N MET C 109 -14.59 -2.25 3.93
CA MET C 109 -14.95 -2.21 2.51
C MET C 109 -15.62 -0.91 2.08
N THR C 110 -15.60 0.13 2.92
CA THR C 110 -16.21 1.39 2.53
C THR C 110 -15.46 2.53 3.20
N CYS C 111 -15.66 3.74 2.65
CA CYS C 111 -15.07 4.94 3.20
C CYS C 111 -15.83 6.14 2.64
N ALA C 112 -15.72 7.27 3.33
CA ALA C 112 -16.46 8.47 2.94
C ALA C 112 -15.71 9.70 3.40
N TYR C 113 -16.04 10.83 2.78
CA TYR C 113 -15.49 12.13 3.17
C TYR C 113 -16.62 13.14 3.15
N ALA C 114 -16.71 13.94 4.21
CA ALA C 114 -17.78 14.92 4.31
C ALA C 114 -17.60 16.02 3.25
N PRO C 115 -18.69 16.54 2.68
CA PRO C 115 -18.55 17.70 1.80
C PRO C 115 -17.92 18.90 2.49
N SER C 116 -18.19 19.08 3.78
CA SER C 116 -17.53 20.13 4.54
C SER C 116 -16.08 19.77 4.84
N GLY C 117 -15.74 18.49 4.79
CA GLY C 117 -14.40 18.04 5.10
C GLY C 117 -14.11 17.81 6.56
N ASN C 118 -15.12 17.88 7.42
CA ASN C 118 -14.91 17.81 8.86
C ASN C 118 -14.97 16.39 9.41
N TYR C 119 -15.68 15.48 8.75
CA TYR C 119 -15.90 14.13 9.25
C TYR C 119 -15.51 13.10 8.20
N VAL C 120 -15.15 11.91 8.66
CA VAL C 120 -14.95 10.76 7.80
C VAL C 120 -15.74 9.58 8.36
N ALA C 121 -16.14 8.68 7.48
CA ALA C 121 -16.90 7.50 7.86
C ALA C 121 -16.21 6.25 7.33
N CYS C 122 -16.30 5.17 8.10
CA CYS C 122 -15.64 3.93 7.74
C CYS C 122 -16.52 2.75 8.15
N GLY C 123 -16.35 1.62 7.45
CA GLY C 123 -17.14 0.45 7.77
C GLY C 123 -16.64 -0.81 7.08
N GLY C 124 -17.02 -1.95 7.64
CA GLY C 124 -16.57 -3.22 7.12
C GLY C 124 -17.33 -4.41 7.68
N LEU C 125 -16.61 -5.49 8.00
CA LEU C 125 -17.23 -6.71 8.51
C LEU C 125 -17.69 -6.60 9.96
N ASP C 126 -17.38 -5.51 10.65
CA ASP C 126 -17.81 -5.31 12.03
C ASP C 126 -19.25 -4.83 12.15
N ASN C 127 -19.92 -4.58 11.02
CA ASN C 127 -21.32 -4.17 10.95
C ASN C 127 -21.56 -2.81 11.59
N ILE C 128 -20.51 -2.03 11.84
CA ILE C 128 -20.62 -0.74 12.52
C ILE C 128 -19.95 0.32 11.66
N CYS C 129 -20.64 1.44 11.46
CA CYS C 129 -20.11 2.58 10.73
C CYS C 129 -19.47 3.53 11.74
N SER C 130 -18.15 3.62 11.73
CA SER C 130 -17.42 4.49 12.64
C SER C 130 -17.30 5.87 12.01
N ILE C 131 -17.54 6.91 12.81
CA ILE C 131 -17.42 8.30 12.37
C ILE C 131 -16.28 8.94 13.14
N TYR C 132 -15.34 9.53 12.40
CA TYR C 132 -14.18 10.20 12.99
C TYR C 132 -14.22 11.68 12.65
N ASN C 133 -13.99 12.52 13.64
CA ASN C 133 -13.97 13.97 13.45
C ASN C 133 -12.52 14.42 13.28
N LEU C 134 -12.25 15.15 12.19
CA LEU C 134 -10.90 15.57 11.86
C LEU C 134 -10.57 16.94 12.42
N LYS C 135 -11.31 17.97 12.00
CA LYS C 135 -11.06 19.34 12.43
C LYS C 135 -11.70 19.55 13.80
N THR C 136 -10.93 19.23 14.84
CA THR C 136 -11.37 19.40 16.22
C THR C 136 -10.16 19.80 17.05
N ARG C 137 -10.37 19.90 18.36
CA ARG C 137 -9.29 20.25 19.27
C ARG C 137 -8.46 18.99 19.57
N GLU C 138 -7.52 19.16 20.52
CA GLU C 138 -6.52 18.16 20.94
C GLU C 138 -5.77 17.55 19.76
N GLY C 139 -5.87 18.14 18.57
CA GLY C 139 -5.08 17.72 17.42
C GLY C 139 -5.13 16.24 17.11
N ASN C 140 -6.28 15.61 17.32
CA ASN C 140 -6.40 14.16 17.19
C ASN C 140 -7.68 13.82 16.44
N VAL C 141 -7.71 12.61 15.89
CA VAL C 141 -8.89 12.05 15.24
C VAL C 141 -9.46 10.99 16.17
N ARG C 142 -10.72 11.16 16.55
CA ARG C 142 -11.36 10.28 17.52
C ARG C 142 -12.73 9.85 17.00
N VAL C 143 -13.20 8.72 17.52
CA VAL C 143 -14.51 8.22 17.14
C VAL C 143 -15.58 9.17 17.66
N SER C 144 -16.46 9.62 16.77
CA SER C 144 -17.57 10.48 17.16
C SER C 144 -18.84 9.67 17.41
N ARG C 145 -19.20 8.81 16.47
CA ARG C 145 -20.38 7.96 16.62
C ARG C 145 -20.09 6.60 16.02
N GLU C 146 -20.46 5.55 16.74
CA GLU C 146 -20.35 4.17 16.24
C GLU C 146 -21.75 3.72 15.82
N LEU C 147 -22.14 4.11 14.60
CA LEU C 147 -23.47 3.80 14.08
C LEU C 147 -23.64 2.29 13.99
N ALA C 148 -24.59 1.76 14.75
CA ALA C 148 -24.83 0.32 14.82
C ALA C 148 -26.30 0.03 14.60
N GLY C 149 -26.58 -1.17 14.08
CA GLY C 149 -27.95 -1.58 13.83
C GLY C 149 -28.12 -2.40 12.56
N HIS C 150 -27.07 -2.48 11.75
CA HIS C 150 -27.12 -3.25 10.52
C HIS C 150 -26.91 -4.73 10.81
N THR C 151 -27.53 -5.57 9.98
CA THR C 151 -27.41 -7.02 10.09
C THR C 151 -26.33 -7.59 9.20
N GLY C 152 -26.26 -7.16 7.94
CA GLY C 152 -25.23 -7.58 7.02
C GLY C 152 -24.03 -6.65 7.04
N TYR C 153 -22.97 -7.10 6.38
CA TYR C 153 -21.73 -6.32 6.34
C TYR C 153 -21.94 -5.02 5.57
N LEU C 154 -21.30 -3.96 6.06
CA LEU C 154 -21.39 -2.64 5.45
C LEU C 154 -20.50 -2.58 4.21
N SER C 155 -21.01 -2.00 3.13
CA SER C 155 -20.31 -2.04 1.85
C SER C 155 -20.05 -0.66 1.26
N CYS C 156 -20.97 0.29 1.43
CA CYS C 156 -20.79 1.61 0.83
C CYS C 156 -21.53 2.64 1.68
N CYS C 157 -20.83 3.73 2.02
CA CYS C 157 -21.42 4.86 2.74
C CYS C 157 -21.12 6.15 2.00
N ARG C 158 -22.11 7.03 1.93
CA ARG C 158 -21.94 8.35 1.31
C ARG C 158 -22.61 9.38 2.19
N PHE C 159 -21.91 10.49 2.44
CA PHE C 159 -22.45 11.56 3.26
C PHE C 159 -23.35 12.46 2.44
N LEU C 160 -24.49 12.85 3.03
CA LEU C 160 -25.34 13.90 2.49
C LEU C 160 -25.00 15.25 3.09
N ASP C 161 -24.98 15.34 4.42
CA ASP C 161 -24.59 16.55 5.13
C ASP C 161 -23.65 16.13 6.26
N ASP C 162 -23.37 17.05 7.18
CA ASP C 162 -22.54 16.75 8.33
C ASP C 162 -23.29 15.98 9.41
N ASN C 163 -24.59 15.73 9.22
CA ASN C 163 -25.39 14.97 10.18
C ASN C 163 -26.23 13.88 9.55
N GLN C 164 -26.18 13.70 8.24
CA GLN C 164 -27.05 12.78 7.52
C GLN C 164 -26.22 11.87 6.62
N ILE C 165 -26.43 10.55 6.74
CA ILE C 165 -25.65 9.57 6.01
C ILE C 165 -26.58 8.61 5.29
N VAL C 166 -26.09 8.05 4.18
CA VAL C 166 -26.74 6.93 3.50
C VAL C 166 -25.75 5.77 3.48
N THR C 167 -26.16 4.64 4.06
CA THR C 167 -25.29 3.47 4.20
C THR C 167 -25.96 2.24 3.61
N SER C 168 -25.19 1.47 2.84
CA SER C 168 -25.64 0.22 2.26
C SER C 168 -24.94 -0.93 2.98
N SER C 169 -25.71 -1.92 3.40
CA SER C 169 -25.20 -3.05 4.16
C SER C 169 -25.41 -4.35 3.39
N GLY C 170 -25.04 -5.46 4.03
CA GLY C 170 -25.10 -6.76 3.39
C GLY C 170 -26.38 -7.52 3.65
N ASP C 171 -27.35 -6.89 4.31
CA ASP C 171 -28.63 -7.51 4.58
C ASP C 171 -29.70 -7.10 3.57
N THR C 172 -29.27 -6.84 2.33
CA THR C 172 -30.17 -6.52 1.21
C THR C 172 -31.01 -5.28 1.50
N THR C 173 -30.49 -4.37 2.32
CA THR C 173 -31.19 -3.15 2.65
C THR C 173 -30.20 -1.99 2.64
N CYS C 174 -30.75 -0.79 2.43
CA CYS C 174 -30.02 0.45 2.61
C CYS C 174 -30.68 1.22 3.76
N ALA C 175 -30.02 2.29 4.20
CA ALA C 175 -30.60 3.09 5.28
C ALA C 175 -30.07 4.51 5.24
N LEU C 176 -30.88 5.44 5.75
CA LEU C 176 -30.49 6.82 5.95
C LEU C 176 -30.45 7.06 7.46
N TRP C 177 -29.28 7.44 7.96
CA TRP C 177 -29.04 7.61 9.38
C TRP C 177 -28.80 9.09 9.69
N ASP C 178 -29.11 9.45 10.93
CA ASP C 178 -28.81 10.77 11.48
C ASP C 178 -27.65 10.64 12.46
N ILE C 179 -26.61 11.46 12.25
CA ILE C 179 -25.42 11.37 13.09
C ILE C 179 -25.72 11.81 14.52
N GLU C 180 -26.42 12.94 14.67
CA GLU C 180 -26.69 13.48 16.01
C GLU C 180 -27.56 12.52 16.81
N THR C 181 -28.59 11.95 16.19
CA THR C 181 -29.48 11.05 16.91
C THR C 181 -28.80 9.72 17.20
N GLY C 182 -28.09 9.16 16.23
CA GLY C 182 -27.42 7.89 16.39
C GLY C 182 -28.21 6.67 15.96
N GLN C 183 -29.49 6.81 15.63
CA GLN C 183 -30.30 5.72 15.13
C GLN C 183 -30.73 6.04 13.70
N GLN C 184 -31.22 5.00 13.02
CA GLN C 184 -31.64 5.15 11.63
C GLN C 184 -32.81 6.14 11.52
N THR C 185 -32.66 7.10 10.62
CA THR C 185 -33.76 7.99 10.27
C THR C 185 -34.80 7.31 9.38
N THR C 186 -34.36 6.49 8.43
CA THR C 186 -35.28 5.77 7.55
C THR C 186 -34.57 4.52 7.05
N THR C 187 -35.32 3.47 6.78
CA THR C 187 -34.79 2.22 6.25
C THR C 187 -35.36 1.95 4.86
N PHE C 188 -34.55 1.38 3.99
CA PHE C 188 -34.89 1.11 2.59
C PHE C 188 -34.77 -0.37 2.35
N THR C 189 -35.91 -1.02 2.09
CA THR C 189 -35.94 -2.47 1.95
C THR C 189 -36.70 -2.85 0.68
N GLY C 190 -36.40 -4.03 0.17
CA GLY C 190 -37.03 -4.53 -1.04
C GLY C 190 -36.06 -5.29 -1.92
N HIS C 191 -34.77 -5.15 -1.66
CA HIS C 191 -33.77 -5.87 -2.43
C HIS C 191 -33.73 -7.33 -2.04
N THR C 192 -33.50 -8.19 -3.04
CA THR C 192 -33.40 -9.62 -2.82
C THR C 192 -31.97 -10.12 -2.77
N GLY C 193 -31.02 -9.35 -3.30
CA GLY C 193 -29.62 -9.73 -3.31
C GLY C 193 -28.77 -8.79 -2.47
N ASP C 194 -27.52 -9.21 -2.27
CA ASP C 194 -26.59 -8.44 -1.46
C ASP C 194 -26.27 -7.10 -2.12
N VAL C 195 -26.50 -6.02 -1.40
CA VAL C 195 -26.24 -4.68 -1.91
C VAL C 195 -24.73 -4.44 -1.84
N MET C 196 -24.13 -4.09 -2.97
CA MET C 196 -22.68 -3.99 -3.05
C MET C 196 -22.15 -2.57 -3.13
N SER C 197 -22.98 -1.60 -3.50
CA SER C 197 -22.51 -0.23 -3.65
C SER C 197 -23.67 0.74 -3.49
N LEU C 198 -23.33 2.03 -3.58
CA LEU C 198 -24.32 3.09 -3.41
C LEU C 198 -23.73 4.37 -3.97
N SER C 199 -24.59 5.20 -4.56
CA SER C 199 -24.15 6.46 -5.15
C SER C 199 -25.22 7.51 -4.93
N LEU C 200 -24.80 8.76 -4.87
CA LEU C 200 -25.68 9.89 -4.60
C LEU C 200 -25.90 10.71 -5.87
N ALA C 201 -26.60 11.83 -5.73
CA ALA C 201 -26.91 12.73 -6.83
C ALA C 201 -26.54 14.16 -6.47
N PRO C 202 -26.24 15.01 -7.46
CA PRO C 202 -25.87 16.40 -7.15
C PRO C 202 -26.95 17.16 -6.40
N ASP C 203 -28.23 16.90 -6.68
CA ASP C 203 -29.30 17.60 -5.98
C ASP C 203 -29.57 17.00 -4.60
N THR C 204 -28.97 15.85 -4.28
CA THR C 204 -29.10 15.20 -2.97
C THR C 204 -30.57 14.92 -2.63
N ARG C 205 -31.37 14.61 -3.65
CA ARG C 205 -32.76 14.24 -3.46
C ARG C 205 -33.07 12.80 -3.84
N LEU C 206 -32.29 12.18 -4.72
CA LEU C 206 -32.48 10.80 -5.11
C LEU C 206 -31.13 10.10 -5.11
N PHE C 207 -31.13 8.79 -4.94
CA PHE C 207 -29.88 8.05 -4.99
C PHE C 207 -30.13 6.64 -5.50
N VAL C 208 -29.14 6.11 -6.23
CA VAL C 208 -29.26 4.81 -6.86
C VAL C 208 -28.36 3.83 -6.13
N SER C 209 -28.80 2.57 -6.08
CA SER C 209 -28.09 1.52 -5.36
C SER C 209 -28.10 0.23 -6.18
N GLY C 210 -26.98 -0.49 -6.13
CA GLY C 210 -26.85 -1.75 -6.83
C GLY C 210 -26.67 -2.92 -5.90
N ALA C 211 -27.36 -4.02 -6.18
CA ALA C 211 -27.32 -5.22 -5.36
C ALA C 211 -26.77 -6.39 -6.16
N CYS C 212 -26.78 -7.57 -5.53
CA CYS C 212 -26.29 -8.80 -6.14
C CYS C 212 -27.35 -9.53 -6.94
N ASP C 213 -28.59 -9.01 -6.97
CA ASP C 213 -29.68 -9.62 -7.72
C ASP C 213 -29.75 -9.12 -9.15
N ALA C 214 -28.64 -8.61 -9.69
CA ALA C 214 -28.56 -8.15 -11.08
C ALA C 214 -29.60 -7.07 -11.38
N SER C 215 -29.76 -6.14 -10.45
CA SER C 215 -30.71 -5.05 -10.63
C SER C 215 -30.26 -3.83 -9.84
N ALA C 216 -30.48 -2.66 -10.42
CA ALA C 216 -30.25 -1.39 -9.76
C ALA C 216 -31.58 -0.76 -9.40
N LYS C 217 -31.60 0.03 -8.32
CA LYS C 217 -32.84 0.61 -7.83
C LYS C 217 -32.61 2.03 -7.36
N LEU C 218 -33.56 2.90 -7.69
CA LEU C 218 -33.54 4.30 -7.27
C LEU C 218 -34.39 4.45 -6.02
N TRP C 219 -33.91 5.29 -5.09
CA TRP C 219 -34.58 5.55 -3.83
C TRP C 219 -34.64 7.05 -3.58
N ASP C 220 -35.68 7.47 -2.86
CA ASP C 220 -35.88 8.87 -2.50
C ASP C 220 -35.55 9.05 -1.02
N VAL C 221 -34.69 10.03 -0.73
CA VAL C 221 -34.27 10.27 0.65
C VAL C 221 -35.45 10.76 1.49
N ARG C 222 -36.35 11.54 0.90
CA ARG C 222 -37.46 12.12 1.65
C ARG C 222 -38.58 11.10 1.87
N GLU C 223 -39.15 10.58 0.78
CA GLU C 223 -40.27 9.66 0.90
C GLU C 223 -39.86 8.35 1.58
N GLY C 224 -38.67 7.84 1.26
CA GLY C 224 -38.21 6.61 1.86
C GLY C 224 -38.70 5.35 1.18
N MET C 225 -39.16 5.44 -0.06
CA MET C 225 -39.66 4.29 -0.79
C MET C 225 -39.03 4.25 -2.17
N CYS C 226 -38.90 3.05 -2.72
CA CYS C 226 -38.30 2.87 -4.04
C CYS C 226 -39.16 3.52 -5.11
N ARG C 227 -38.49 4.01 -6.16
CA ARG C 227 -39.16 4.61 -7.31
C ARG C 227 -39.04 3.79 -8.58
N GLN C 228 -37.82 3.47 -9.01
CA GLN C 228 -37.60 2.75 -10.25
C GLN C 228 -36.64 1.58 -10.01
N THR C 229 -36.87 0.50 -10.75
CA THR C 229 -36.02 -0.69 -10.67
C THR C 229 -35.65 -1.11 -12.09
N PHE C 230 -34.35 -1.10 -12.37
CA PHE C 230 -33.82 -1.46 -13.68
C PHE C 230 -33.11 -2.80 -13.56
N THR C 231 -33.41 -3.72 -14.48
CA THR C 231 -32.77 -5.03 -14.50
C THR C 231 -32.33 -5.35 -15.93
N GLY C 232 -31.02 -5.35 -16.15
CA GLY C 232 -30.47 -5.72 -17.44
C GLY C 232 -29.20 -6.53 -17.34
N HIS C 233 -28.76 -6.78 -16.11
CA HIS C 233 -27.52 -7.50 -15.85
C HIS C 233 -27.80 -8.99 -15.65
N GLU C 234 -26.78 -9.79 -15.91
CA GLU C 234 -26.85 -11.24 -15.72
C GLU C 234 -26.19 -11.70 -14.42
N SER C 235 -25.48 -10.81 -13.72
CA SER C 235 -24.78 -11.18 -12.50
C SER C 235 -24.85 -10.01 -11.53
N ASP C 236 -24.16 -10.16 -10.40
CA ASP C 236 -24.19 -9.14 -9.35
C ASP C 236 -23.58 -7.83 -9.82
N ILE C 237 -24.14 -6.72 -9.34
CA ILE C 237 -23.63 -5.39 -9.66
C ILE C 237 -22.67 -5.01 -8.54
N ASN C 238 -21.38 -4.94 -8.86
CA ASN C 238 -20.36 -4.64 -7.86
C ASN C 238 -20.31 -3.17 -7.47
N ALA C 239 -20.52 -2.27 -8.42
CA ALA C 239 -20.41 -0.84 -8.12
C ALA C 239 -21.31 -0.06 -9.07
N ILE C 240 -21.60 1.18 -8.68
CA ILE C 240 -22.48 2.05 -9.44
C ILE C 240 -21.97 3.49 -9.31
N CYS C 241 -22.10 4.25 -10.39
CA CYS C 241 -21.79 5.67 -10.40
C CYS C 241 -22.91 6.40 -11.10
N PHE C 242 -23.10 7.67 -10.75
CA PHE C 242 -24.27 8.45 -11.17
C PHE C 242 -23.82 9.59 -12.08
N PHE C 243 -24.57 9.80 -13.16
CA PHE C 243 -24.21 10.80 -14.14
C PHE C 243 -24.31 12.21 -13.55
N PRO C 244 -23.38 13.10 -13.87
CA PRO C 244 -23.40 14.44 -13.25
C PRO C 244 -24.65 15.24 -13.57
N ASN C 245 -25.27 15.04 -14.73
CA ASN C 245 -26.46 15.83 -15.08
C ASN C 245 -27.60 15.58 -14.11
N GLY C 246 -27.82 14.33 -13.72
CA GLY C 246 -28.90 14.00 -12.81
C GLY C 246 -30.03 13.19 -13.41
N ASN C 247 -29.88 12.71 -14.64
CA ASN C 247 -30.93 11.93 -15.30
C ASN C 247 -30.43 10.57 -15.75
N ALA C 248 -29.28 10.13 -15.27
CA ALA C 248 -28.69 8.86 -15.71
C ALA C 248 -27.67 8.39 -14.70
N PHE C 249 -27.22 7.15 -14.88
CA PHE C 249 -26.14 6.61 -14.08
C PHE C 249 -25.51 5.45 -14.85
N ALA C 250 -24.41 4.93 -14.32
CA ALA C 250 -23.71 3.79 -14.89
C ALA C 250 -23.48 2.73 -13.82
N THR C 251 -23.58 1.47 -14.23
CA THR C 251 -23.42 0.33 -13.33
C THR C 251 -22.40 -0.64 -13.91
N GLY C 252 -21.71 -1.34 -13.01
CA GLY C 252 -20.73 -2.34 -13.40
C GLY C 252 -20.94 -3.65 -12.67
N SER C 253 -20.83 -4.77 -13.39
CA SER C 253 -21.11 -6.09 -12.87
C SER C 253 -19.90 -6.99 -13.04
N ASP C 254 -20.09 -8.29 -12.77
CA ASP C 254 -19.07 -9.29 -13.08
C ASP C 254 -19.24 -9.89 -14.47
N ASP C 255 -20.20 -9.41 -15.25
CA ASP C 255 -20.41 -9.87 -16.62
C ASP C 255 -19.44 -9.25 -17.61
N ALA C 256 -18.39 -8.58 -17.12
CA ALA C 256 -17.40 -7.90 -17.97
C ALA C 256 -18.05 -6.83 -18.83
N THR C 257 -19.21 -6.31 -18.41
CA THR C 257 -19.90 -5.27 -19.15
C THR C 257 -20.45 -4.23 -18.19
N CYS C 258 -20.37 -2.97 -18.60
CA CYS C 258 -21.00 -1.86 -17.91
C CYS C 258 -22.28 -1.47 -18.62
N ARG C 259 -23.17 -0.80 -17.89
CA ARG C 259 -24.46 -0.45 -18.47
C ARG C 259 -24.88 0.93 -17.98
N LEU C 260 -25.25 1.79 -18.94
CA LEU C 260 -25.65 3.16 -18.66
C LEU C 260 -27.18 3.21 -18.73
N PHE C 261 -27.81 3.48 -17.59
CA PHE C 261 -29.25 3.61 -17.53
C PHE C 261 -29.63 5.08 -17.35
N ASP C 262 -30.87 5.41 -17.69
CA ASP C 262 -31.38 6.76 -17.53
C ASP C 262 -32.70 6.73 -16.78
N LEU C 263 -32.98 7.82 -16.06
CA LEU C 263 -34.13 7.89 -15.17
C LEU C 263 -35.40 8.36 -15.87
N ARG C 264 -35.28 9.37 -16.72
CA ARG C 264 -36.46 9.95 -17.36
C ARG C 264 -37.11 8.96 -18.32
N ALA C 265 -36.30 8.14 -19.01
CA ALA C 265 -36.84 7.20 -19.96
C ALA C 265 -37.13 5.83 -19.35
N ASP C 266 -36.46 5.47 -18.25
CA ASP C 266 -36.57 4.13 -17.65
C ASP C 266 -36.19 3.05 -18.68
N GLN C 267 -35.04 3.24 -19.32
CA GLN C 267 -34.61 2.33 -20.37
C GLN C 267 -33.12 2.06 -20.25
N GLU C 268 -32.72 0.88 -20.70
CA GLU C 268 -31.30 0.58 -20.88
C GLU C 268 -30.80 1.22 -22.16
N LEU C 269 -29.69 1.95 -22.06
CA LEU C 269 -29.21 2.75 -23.18
C LEU C 269 -28.09 2.06 -23.95
N MET C 270 -26.97 1.74 -23.29
CA MET C 270 -25.81 1.19 -23.97
C MET C 270 -25.23 0.04 -23.16
N THR C 271 -24.51 -0.84 -23.87
CA THR C 271 -23.78 -1.94 -23.26
C THR C 271 -22.29 -1.73 -23.53
N TYR C 272 -21.47 -1.91 -22.50
CA TYR C 272 -20.04 -1.64 -22.58
C TYR C 272 -19.30 -2.95 -22.33
N SER C 273 -18.79 -3.56 -23.39
CA SER C 273 -18.11 -4.84 -23.26
C SER C 273 -17.15 -5.04 -24.42
N HIS C 274 -16.17 -5.92 -24.20
CA HIS C 274 -15.21 -6.30 -25.23
C HIS C 274 -15.01 -7.81 -25.16
N ASP C 275 -14.73 -8.40 -26.32
CA ASP C 275 -14.54 -9.85 -26.39
C ASP C 275 -13.29 -10.28 -25.63
N ASN C 276 -12.22 -9.49 -25.70
CA ASN C 276 -10.97 -9.87 -25.06
C ASN C 276 -11.10 -9.93 -23.54
N ILE C 277 -11.81 -8.99 -22.94
CA ILE C 277 -11.96 -8.96 -21.48
C ILE C 277 -13.11 -9.87 -21.07
N ILE C 278 -12.90 -10.63 -20.00
CA ILE C 278 -13.92 -11.50 -19.44
C ILE C 278 -14.06 -11.16 -17.96
N CYS C 279 -13.10 -10.41 -17.44
CA CYS C 279 -13.06 -10.07 -16.02
C CYS C 279 -14.11 -9.02 -15.68
N GLY C 280 -14.55 -9.04 -14.42
CA GLY C 280 -15.65 -8.19 -14.00
C GLY C 280 -15.23 -6.77 -13.65
N ILE C 281 -16.23 -5.96 -13.35
CA ILE C 281 -16.05 -4.55 -12.99
C ILE C 281 -16.05 -4.43 -11.48
N THR C 282 -15.09 -3.65 -10.95
CA THR C 282 -14.97 -3.41 -9.53
C THR C 282 -15.51 -2.04 -9.10
N SER C 283 -15.33 -1.01 -9.92
CA SER C 283 -15.81 0.32 -9.59
C SER C 283 -15.82 1.15 -10.87
N VAL C 284 -16.80 2.04 -10.98
CA VAL C 284 -16.94 2.92 -12.14
C VAL C 284 -17.03 4.36 -11.65
N SER C 285 -16.67 5.29 -12.53
CA SER C 285 -16.77 6.70 -12.22
C SER C 285 -16.91 7.48 -13.52
N PHE C 286 -17.63 8.59 -13.45
CA PHE C 286 -17.85 9.47 -14.58
C PHE C 286 -16.85 10.62 -14.55
N SER C 287 -16.95 11.49 -15.54
CA SER C 287 -16.14 12.68 -15.63
C SER C 287 -16.97 13.90 -15.25
N LYS C 288 -16.30 15.05 -15.12
CA LYS C 288 -17.02 16.27 -14.78
C LYS C 288 -18.01 16.65 -15.86
N SER C 289 -17.61 16.56 -17.13
CA SER C 289 -18.52 16.81 -18.22
C SER C 289 -19.47 15.63 -18.45
N GLY C 290 -18.99 14.42 -18.19
CA GLY C 290 -19.78 13.22 -18.44
C GLY C 290 -19.45 12.50 -19.73
N ARG C 291 -18.47 12.99 -20.50
CA ARG C 291 -18.12 12.35 -21.77
C ARG C 291 -17.44 11.00 -21.54
N LEU C 292 -16.49 10.93 -20.62
CA LEU C 292 -15.72 9.72 -20.39
C LEU C 292 -16.27 8.95 -19.19
N LEU C 293 -16.42 7.64 -19.36
CA LEU C 293 -16.90 6.75 -18.31
C LEU C 293 -15.75 5.86 -17.88
N LEU C 294 -15.28 6.04 -16.65
CA LEU C 294 -14.16 5.27 -16.14
C LEU C 294 -14.65 3.96 -15.55
N ALA C 295 -13.75 2.98 -15.51
CA ALA C 295 -14.07 1.67 -14.96
C ALA C 295 -12.79 0.96 -14.56
N GLY C 296 -12.92 0.07 -13.58
CA GLY C 296 -11.81 -0.75 -13.13
C GLY C 296 -12.12 -2.23 -13.25
N TYR C 297 -11.16 -3.03 -13.70
CA TYR C 297 -11.41 -4.43 -13.99
C TYR C 297 -10.49 -5.32 -13.17
N ASP C 298 -10.73 -6.62 -13.26
CA ASP C 298 -9.97 -7.63 -12.54
C ASP C 298 -8.63 -7.92 -13.17
N ASP C 299 -8.37 -7.39 -14.37
CA ASP C 299 -7.17 -7.72 -15.12
C ASP C 299 -5.99 -6.85 -14.73
N PHE C 300 -6.01 -6.33 -13.51
CA PHE C 300 -4.91 -5.57 -12.91
C PHE C 300 -4.71 -4.20 -13.55
N ASN C 301 -5.75 -3.63 -14.15
CA ASN C 301 -5.64 -2.34 -14.82
C ASN C 301 -7.02 -1.72 -14.92
N CYS C 302 -7.07 -0.51 -15.46
CA CYS C 302 -8.33 0.20 -15.70
C CYS C 302 -8.45 0.52 -17.19
N ASN C 303 -9.67 0.78 -17.65
CA ASN C 303 -9.91 1.17 -19.03
C ASN C 303 -10.79 2.42 -19.06
N VAL C 304 -10.45 3.35 -19.95
CA VAL C 304 -11.23 4.55 -20.16
C VAL C 304 -12.13 4.35 -21.37
N TRP C 305 -13.45 4.40 -21.15
CA TRP C 305 -14.41 4.18 -22.22
C TRP C 305 -15.30 5.40 -22.39
N ASP C 306 -15.58 5.77 -23.64
CA ASP C 306 -16.44 6.90 -23.95
C ASP C 306 -17.89 6.55 -23.64
N ALA C 307 -18.65 7.53 -23.15
CA ALA C 307 -20.04 7.29 -22.78
C ALA C 307 -20.96 7.24 -24.00
N LEU C 308 -20.48 7.65 -25.18
CA LEU C 308 -21.30 7.67 -26.38
C LEU C 308 -20.81 6.72 -27.46
N LYS C 309 -19.55 6.28 -27.41
CA LYS C 309 -18.99 5.42 -28.44
C LYS C 309 -18.72 3.99 -27.99
N ALA C 310 -18.60 3.73 -26.69
CA ALA C 310 -18.32 2.39 -26.16
C ALA C 310 -17.04 1.80 -26.76
N ASP C 311 -16.06 2.67 -27.02
CA ASP C 311 -14.79 2.26 -27.60
C ASP C 311 -13.69 2.44 -26.56
N ARG C 312 -12.71 1.53 -26.57
CA ARG C 312 -11.62 1.58 -25.60
C ARG C 312 -10.72 2.78 -25.90
N ALA C 313 -10.87 3.85 -25.12
CA ALA C 313 -10.11 5.07 -25.34
C ALA C 313 -8.71 5.03 -24.76
N GLY C 314 -8.41 4.08 -23.89
CA GLY C 314 -7.09 3.97 -23.31
C GLY C 314 -7.09 3.01 -22.14
N VAL C 315 -5.90 2.60 -21.75
CA VAL C 315 -5.71 1.64 -20.66
C VAL C 315 -4.77 2.25 -19.63
N LEU C 316 -5.11 2.05 -18.35
CA LEU C 316 -4.31 2.50 -17.22
C LEU C 316 -3.78 1.23 -16.54
N ALA C 317 -2.65 0.75 -17.04
CA ALA C 317 -1.99 -0.45 -16.51
C ALA C 317 -0.80 -0.01 -15.65
N GLY C 318 -1.10 0.46 -14.44
CA GLY C 318 -0.07 0.91 -13.54
C GLY C 318 -0.03 0.11 -12.24
N HIS C 319 -1.03 -0.73 -12.03
CA HIS C 319 -1.12 -1.53 -10.83
C HIS C 319 -0.56 -2.94 -11.08
N ASP C 320 -0.30 -3.64 -9.98
CA ASP C 320 0.14 -5.03 -10.03
C ASP C 320 -1.01 -6.00 -9.83
N ASN C 321 -1.90 -5.72 -8.88
CA ASN C 321 -3.08 -6.53 -8.64
C ASN C 321 -4.33 -5.80 -9.17
N ARG C 322 -5.46 -6.50 -9.11
CA ARG C 322 -6.71 -5.93 -9.59
C ARG C 322 -7.10 -4.70 -8.77
N VAL C 323 -7.65 -3.70 -9.45
CA VAL C 323 -7.98 -2.43 -8.83
C VAL C 323 -9.27 -2.59 -8.04
N SER C 324 -9.43 -1.77 -6.99
CA SER C 324 -10.62 -1.80 -6.15
C SER C 324 -11.53 -0.59 -6.36
N CYS C 325 -10.99 0.63 -6.28
CA CYS C 325 -11.79 1.84 -6.31
C CYS C 325 -11.22 2.86 -7.29
N LEU C 326 -12.12 3.55 -7.97
CA LEU C 326 -11.75 4.66 -8.86
C LEU C 326 -12.55 5.89 -8.44
N GLY C 327 -11.88 7.04 -8.41
CA GLY C 327 -12.52 8.27 -8.00
C GLY C 327 -12.06 9.45 -8.83
N VAL C 328 -12.98 10.38 -9.05
CA VAL C 328 -12.74 11.60 -9.81
C VAL C 328 -13.03 12.80 -8.93
N THR C 329 -12.12 13.77 -8.93
CA THR C 329 -12.29 14.97 -8.12
C THR C 329 -13.52 15.76 -8.57
N ASP C 330 -13.98 16.65 -7.69
CA ASP C 330 -15.11 17.50 -8.03
C ASP C 330 -14.77 18.41 -9.22
N ASP C 331 -13.55 18.96 -9.22
CA ASP C 331 -13.09 19.75 -10.36
C ASP C 331 -12.77 18.91 -11.58
N GLY C 332 -12.62 17.60 -11.42
CA GLY C 332 -12.32 16.73 -12.54
C GLY C 332 -10.89 16.81 -13.04
N MET C 333 -9.96 17.35 -12.24
CA MET C 333 -8.60 17.53 -12.71
C MET C 333 -7.85 16.20 -12.80
N ALA C 334 -8.06 15.31 -11.85
CA ALA C 334 -7.27 14.09 -11.76
C ALA C 334 -8.17 12.91 -11.43
N VAL C 335 -7.55 11.73 -11.37
CA VAL C 335 -8.24 10.48 -11.10
C VAL C 335 -7.40 9.66 -10.13
N ALA C 336 -8.05 9.03 -9.16
CA ALA C 336 -7.37 8.18 -8.19
C ALA C 336 -7.84 6.74 -8.35
N THR C 337 -6.89 5.81 -8.44
CA THR C 337 -7.19 4.39 -8.53
C THR C 337 -6.50 3.66 -7.39
N GLY C 338 -7.28 3.11 -6.49
CA GLY C 338 -6.76 2.35 -5.35
C GLY C 338 -7.00 0.86 -5.56
N SER C 339 -5.94 0.09 -5.44
CA SER C 339 -5.95 -1.33 -5.77
C SER C 339 -5.48 -2.15 -4.57
N TRP C 340 -5.58 -3.47 -4.71
CA TRP C 340 -5.10 -4.43 -3.72
C TRP C 340 -3.61 -4.68 -3.81
N ASP C 341 -2.87 -3.88 -4.59
CA ASP C 341 -1.41 -3.92 -4.65
C ASP C 341 -0.75 -3.08 -3.54
N SER C 342 -1.55 -2.56 -2.61
CA SER C 342 -1.16 -1.75 -1.45
C SER C 342 -0.77 -0.33 -1.81
N PHE C 343 -0.71 0.03 -3.10
CA PHE C 343 -0.41 1.38 -3.53
C PHE C 343 -1.56 1.91 -4.39
N LEU C 344 -1.99 3.14 -4.13
CA LEU C 344 -2.99 3.79 -4.96
C LEU C 344 -2.31 4.85 -5.81
N LYS C 345 -2.69 4.89 -7.09
CA LYS C 345 -2.02 5.72 -8.08
C LYS C 345 -2.89 6.89 -8.50
N ILE C 346 -2.24 7.98 -8.86
CA ILE C 346 -2.88 9.21 -9.31
C ILE C 346 -2.59 9.40 -10.79
N TRP C 347 -3.64 9.57 -11.58
CA TRP C 347 -3.53 9.69 -13.03
C TRP C 347 -4.11 11.03 -13.48
N ASN C 348 -3.49 11.61 -14.49
CA ASN C 348 -3.95 12.89 -15.04
C ASN C 348 -3.58 12.99 -16.51
N GLN D 11 -45.01 -12.41 0.58
CA GLN D 11 -44.53 -11.11 0.13
C GLN D 11 -45.10 -10.75 -1.23
N ALA D 12 -46.11 -11.52 -1.67
CA ALA D 12 -46.74 -11.25 -2.95
C ALA D 12 -47.45 -9.90 -2.96
N ARG D 13 -48.11 -9.56 -1.86
CA ARG D 13 -48.83 -8.29 -1.78
C ARG D 13 -47.88 -7.11 -1.90
N LYS D 14 -46.73 -7.18 -1.22
CA LYS D 14 -45.76 -6.08 -1.30
C LYS D 14 -45.22 -5.92 -2.71
N LEU D 15 -44.90 -7.03 -3.37
CA LEU D 15 -44.41 -6.96 -4.74
C LEU D 15 -45.47 -6.39 -5.68
N VAL D 16 -46.72 -6.81 -5.50
CA VAL D 16 -47.81 -6.30 -6.34
C VAL D 16 -47.98 -4.80 -6.13
N GLU D 17 -47.95 -4.35 -4.87
CA GLU D 17 -48.07 -2.92 -4.59
C GLU D 17 -46.90 -2.13 -5.19
N GLN D 18 -45.69 -2.67 -5.09
CA GLN D 18 -44.53 -2.00 -5.66
C GLN D 18 -44.64 -1.89 -7.17
N LEU D 19 -45.06 -2.97 -7.83
CA LEU D 19 -45.23 -2.94 -9.29
C LEU D 19 -46.34 -1.97 -9.69
N LYS D 20 -47.43 -1.93 -8.93
CA LYS D 20 -48.51 -1.00 -9.24
C LYS D 20 -48.05 0.45 -9.08
N MET D 21 -47.28 0.73 -8.03
CA MET D 21 -46.75 2.08 -7.86
C MET D 21 -45.78 2.44 -8.98
N GLU D 22 -44.95 1.49 -9.40
CA GLU D 22 -44.01 1.72 -10.49
C GLU D 22 -44.71 1.85 -11.84
N ALA D 23 -45.93 1.32 -11.97
CA ALA D 23 -46.63 1.41 -13.24
C ALA D 23 -46.96 2.85 -13.61
N ASN D 24 -47.41 3.64 -12.63
CA ASN D 24 -47.85 5.02 -12.87
C ASN D 24 -46.64 5.95 -12.77
N ILE D 25 -45.85 6.02 -13.85
CA ILE D 25 -44.72 6.93 -13.91
C ILE D 25 -44.71 7.59 -15.28
N ASP D 26 -44.49 8.90 -15.30
CA ASP D 26 -44.36 9.62 -16.56
C ASP D 26 -43.12 9.16 -17.30
N ARG D 27 -43.24 9.01 -18.62
CA ARG D 27 -42.16 8.49 -19.45
C ARG D 27 -41.82 9.46 -20.56
N ILE D 28 -40.55 9.46 -20.95
CA ILE D 28 -40.04 10.34 -21.99
C ILE D 28 -39.33 9.47 -23.02
N LYS D 29 -39.45 9.86 -24.29
CA LYS D 29 -38.86 9.09 -25.37
C LYS D 29 -37.34 9.02 -25.21
N VAL D 30 -36.77 7.86 -25.60
CA VAL D 30 -35.34 7.65 -25.47
C VAL D 30 -34.55 8.65 -26.31
N SER D 31 -35.09 9.05 -27.47
CA SER D 31 -34.38 9.99 -28.33
C SER D 31 -34.17 11.32 -27.62
N LYS D 32 -35.20 11.83 -26.94
CA LYS D 32 -35.05 13.11 -26.24
C LYS D 32 -34.09 13.00 -25.06
N ALA D 33 -34.11 11.86 -24.36
CA ALA D 33 -33.17 11.66 -23.27
C ALA D 33 -31.74 11.63 -23.78
N ALA D 34 -31.51 10.94 -24.90
CA ALA D 34 -30.18 10.90 -25.49
C ALA D 34 -29.74 12.28 -25.96
N ALA D 35 -30.68 13.05 -26.54
CA ALA D 35 -30.37 14.41 -26.97
C ALA D 35 -29.97 15.29 -25.78
N ASP D 36 -30.70 15.17 -24.67
CA ASP D 36 -30.34 15.93 -23.48
C ASP D 36 -28.98 15.49 -22.95
N LEU D 37 -28.70 14.19 -22.99
CA LEU D 37 -27.41 13.70 -22.50
C LEU D 37 -26.26 14.23 -23.34
N MET D 38 -26.40 14.22 -24.68
CA MET D 38 -25.32 14.73 -25.51
C MET D 38 -25.20 16.24 -25.37
N ALA D 39 -26.32 16.94 -25.17
CA ALA D 39 -26.27 18.38 -24.92
C ALA D 39 -25.49 18.68 -23.65
N TYR D 40 -25.74 17.91 -22.59
CA TYR D 40 -24.96 18.07 -21.35
C TYR D 40 -23.49 17.75 -21.57
N CYS D 41 -23.20 16.69 -22.34
CA CYS D 41 -21.82 16.29 -22.57
C CYS D 41 -21.06 17.35 -23.34
N GLU D 42 -21.69 17.96 -24.35
CA GLU D 42 -21.01 18.93 -25.20
C GLU D 42 -21.03 20.35 -24.63
N ALA D 43 -21.98 20.66 -23.75
CA ALA D 43 -22.06 22.00 -23.19
C ALA D 43 -20.94 22.27 -22.19
N HIS D 44 -20.50 21.26 -21.44
CA HIS D 44 -19.46 21.40 -20.44
C HIS D 44 -18.16 20.74 -20.89
N ALA D 45 -17.98 20.56 -22.20
CA ALA D 45 -16.80 19.90 -22.72
C ALA D 45 -15.52 20.68 -22.43
N LYS D 46 -15.59 22.01 -22.41
CA LYS D 46 -14.42 22.82 -22.11
C LYS D 46 -14.14 22.93 -20.61
N GLU D 47 -15.05 22.45 -19.76
CA GLU D 47 -14.88 22.54 -18.32
C GLU D 47 -14.29 21.28 -17.70
N ASP D 48 -13.89 20.30 -18.51
CA ASP D 48 -13.32 19.07 -17.97
C ASP D 48 -11.81 19.07 -18.18
N PRO D 49 -11.01 19.21 -17.12
CA PRO D 49 -9.55 19.19 -17.30
C PRO D 49 -9.00 17.89 -17.85
N LEU D 50 -9.73 16.78 -17.77
CA LEU D 50 -9.18 15.50 -18.18
C LEU D 50 -9.47 15.20 -19.65
N LEU D 51 -10.70 15.47 -20.11
CA LEU D 51 -11.03 15.23 -21.51
C LEU D 51 -10.18 16.10 -22.43
N THR D 52 -10.09 17.40 -22.13
CA THR D 52 -9.21 18.30 -22.84
C THR D 52 -7.92 18.48 -22.06
N PRO D 53 -6.76 18.12 -22.63
CA PRO D 53 -5.51 18.23 -21.88
C PRO D 53 -5.24 19.66 -21.44
N VAL D 54 -4.69 19.79 -20.23
CA VAL D 54 -4.45 21.10 -19.62
C VAL D 54 -2.95 21.40 -19.65
N PRO D 55 -2.56 22.67 -19.72
CA PRO D 55 -1.13 22.99 -19.69
C PRO D 55 -0.48 22.59 -18.38
N ALA D 56 0.81 22.26 -18.44
CA ALA D 56 1.53 21.83 -17.26
C ALA D 56 1.57 22.92 -16.20
N SER D 57 1.80 24.17 -16.62
CA SER D 57 1.80 25.28 -15.67
C SER D 57 0.43 25.46 -15.03
N GLU D 58 -0.63 25.35 -15.83
CA GLU D 58 -1.98 25.48 -15.31
C GLU D 58 -2.46 24.23 -14.56
N ASN D 59 -1.74 23.13 -14.66
CA ASN D 59 -2.15 21.90 -14.00
C ASN D 59 -1.65 21.88 -12.56
N PRO D 60 -2.54 21.89 -11.56
CA PRO D 60 -2.06 21.79 -10.18
C PRO D 60 -1.37 20.48 -9.87
N PHE D 61 -1.69 19.42 -10.59
CA PHE D 61 -1.19 18.08 -10.29
C PHE D 61 0.11 17.80 -11.02
N VAL E 5 -8.45 22.11 26.61
CA VAL E 5 -7.01 21.94 26.74
C VAL E 5 -6.42 23.00 27.66
N GLN E 6 -5.30 22.67 28.30
CA GLN E 6 -4.65 23.57 29.24
C GLN E 6 -3.14 23.51 29.03
N LEU E 7 -2.51 24.69 29.07
CA LEU E 7 -1.06 24.84 28.91
C LEU E 7 -0.58 25.86 29.91
N VAL E 8 0.17 25.42 30.92
CA VAL E 8 0.61 26.30 32.00
C VAL E 8 2.12 26.19 32.14
N GLU E 9 2.79 27.34 32.22
CA GLU E 9 4.24 27.40 32.32
C GLU E 9 4.64 27.94 33.69
N SER E 10 5.75 27.43 34.21
CA SER E 10 6.25 27.80 35.53
C SER E 10 7.75 28.02 35.47
N GLY E 11 8.26 28.82 36.40
CA GLY E 11 9.65 29.19 36.50
C GLY E 11 9.77 30.69 36.60
N GLY E 12 10.96 31.20 36.26
CA GLY E 12 11.20 32.62 36.28
C GLY E 12 11.48 33.17 37.67
N GLY E 13 11.67 34.48 37.71
CA GLY E 13 12.00 35.18 38.93
C GLY E 13 13.26 36.01 38.78
N LEU E 14 13.67 36.60 39.90
CA LEU E 14 14.87 37.43 39.91
C LEU E 14 16.11 36.54 39.88
N VAL E 15 16.94 36.72 38.85
CA VAL E 15 18.17 35.95 38.68
C VAL E 15 19.27 36.90 38.26
N GLN E 16 20.49 36.65 38.76
CA GLN E 16 21.62 37.49 38.41
C GLN E 16 22.00 37.27 36.95
N PRO E 17 22.57 38.29 36.29
CA PRO E 17 23.01 38.10 34.91
C PRO E 17 24.09 37.03 34.80
N GLY E 18 24.07 36.29 33.69
CA GLY E 18 25.03 35.24 33.46
C GLY E 18 24.67 33.89 34.05
N GLY E 19 23.56 33.80 34.79
CA GLY E 19 23.17 32.54 35.39
C GLY E 19 22.42 31.64 34.44
N SER E 20 22.08 30.45 34.95
CA SER E 20 21.31 29.46 34.20
C SER E 20 19.96 29.26 34.87
N ARG E 21 18.90 29.25 34.07
CA ARG E 21 17.55 29.12 34.60
C ARG E 21 16.76 28.13 33.77
N LYS E 22 15.76 27.51 34.40
CA LYS E 22 14.91 26.52 33.76
C LYS E 22 13.46 26.97 33.79
N LEU E 23 12.81 26.91 32.63
CA LEU E 23 11.37 27.14 32.52
C LEU E 23 10.69 25.87 32.07
N SER E 24 9.67 25.44 32.81
CA SER E 24 9.00 24.18 32.54
C SER E 24 7.52 24.43 32.26
N CYS E 25 7.06 23.95 31.11
CA CYS E 25 5.67 24.11 30.70
C CYS E 25 5.00 22.76 30.63
N SER E 26 3.84 22.64 31.26
CA SER E 26 3.07 21.41 31.31
C SER E 26 1.76 21.57 30.56
N ALA E 27 1.35 20.50 29.88
CA ALA E 27 0.17 20.48 29.04
C ALA E 27 -0.78 19.38 29.50
N SER E 28 -2.08 19.63 29.36
CA SER E 28 -3.10 18.65 29.67
C SER E 28 -4.25 18.78 28.68
N GLY E 29 -4.90 17.66 28.39
CA GLY E 29 -6.05 17.64 27.52
C GLY E 29 -5.78 17.45 26.05
N PHE E 30 -4.51 17.36 25.63
CA PHE E 30 -4.22 17.13 24.23
C PHE E 30 -2.92 16.35 24.10
N ALA E 31 -2.74 15.75 22.92
CA ALA E 31 -1.55 14.96 22.63
C ALA E 31 -0.37 15.91 22.44
N PHE E 32 0.57 15.90 23.40
CA PHE E 32 1.72 16.77 23.32
C PHE E 32 2.69 16.34 22.23
N SER E 33 2.80 15.02 21.99
CA SER E 33 3.77 14.52 21.03
C SER E 33 3.49 15.02 19.63
N SER E 34 2.20 15.06 19.23
CA SER E 34 1.85 15.48 17.89
C SER E 34 2.16 16.97 17.68
N PHE E 35 1.91 17.78 18.69
CA PHE E 35 2.08 19.22 18.56
C PHE E 35 3.56 19.61 18.64
N GLY E 36 3.89 20.70 17.96
CA GLY E 36 5.20 21.31 18.06
C GLY E 36 5.14 22.51 18.99
N MET E 37 6.25 22.83 19.64
CA MET E 37 6.29 23.85 20.67
C MET E 37 7.06 25.08 20.20
N HIS E 38 6.58 26.24 20.64
CA HIS E 38 7.23 27.52 20.39
C HIS E 38 7.40 28.27 21.70
N TRP E 39 8.60 28.77 21.94
CA TRP E 39 8.89 29.69 23.04
C TRP E 39 9.10 31.07 22.45
N VAL E 40 8.34 32.05 22.94
CA VAL E 40 8.46 33.43 22.46
C VAL E 40 8.56 34.36 23.67
N ARG E 41 9.14 35.53 23.46
CA ARG E 41 9.39 36.50 24.52
C ARG E 41 8.59 37.77 24.27
N GLN E 42 8.15 38.40 25.37
CA GLN E 42 7.46 39.68 25.34
C GLN E 42 8.18 40.63 26.28
N ALA E 43 8.81 41.66 25.71
CA ALA E 43 9.44 42.68 26.55
C ALA E 43 8.36 43.50 27.27
N PRO E 44 8.63 43.92 28.50
CA PRO E 44 7.60 44.65 29.25
C PRO E 44 7.15 45.93 28.57
N GLU E 45 8.03 46.62 27.85
CA GLU E 45 7.69 47.86 27.17
C GLU E 45 7.81 47.76 25.65
N LYS E 46 7.94 46.55 25.11
CA LYS E 46 8.08 46.36 23.67
C LYS E 46 7.17 45.23 23.21
N GLY E 47 7.23 44.94 21.91
CA GLY E 47 6.37 43.95 21.31
C GLY E 47 6.89 42.52 21.49
N LEU E 48 6.24 41.62 20.77
CA LEU E 48 6.57 40.20 20.87
C LEU E 48 7.75 39.86 19.97
N GLU E 49 8.62 38.97 20.46
CA GLU E 49 9.74 38.45 19.68
C GLU E 49 9.85 36.95 19.88
N TRP E 50 10.05 36.23 18.78
CA TRP E 50 10.19 34.78 18.83
C TRP E 50 11.55 34.39 19.42
N VAL E 51 11.60 33.22 20.06
CA VAL E 51 12.83 32.75 20.68
C VAL E 51 13.26 31.42 20.08
N ALA E 52 12.42 30.40 20.22
CA ALA E 52 12.82 29.06 19.81
C ALA E 52 11.62 28.24 19.38
N TYR E 53 11.90 27.20 18.60
CA TYR E 53 10.88 26.28 18.11
C TYR E 53 11.43 24.86 18.12
N ILE E 54 10.60 23.91 18.53
CA ILE E 54 10.94 22.49 18.49
C ILE E 54 9.79 21.74 17.83
N SER E 55 10.13 20.81 16.94
CA SER E 55 9.15 20.06 16.18
C SER E 55 8.70 18.82 16.94
N SER E 56 7.83 18.04 16.30
CA SER E 56 7.35 16.80 16.91
C SER E 56 8.48 15.80 17.02
N GLY E 57 8.65 15.22 18.21
CA GLY E 57 9.70 14.26 18.45
C GLY E 57 11.10 14.84 18.51
N SER E 58 11.22 16.17 18.64
CA SER E 58 12.52 16.86 18.66
C SER E 58 13.34 16.58 17.41
N GLY E 59 12.67 16.35 16.29
CA GLY E 59 13.39 16.11 15.04
C GLY E 59 14.16 17.32 14.56
N THR E 60 13.54 18.51 14.63
CA THR E 60 14.15 19.75 14.18
C THR E 60 14.02 20.79 15.29
N ILE E 61 15.13 21.42 15.64
CA ILE E 61 15.16 22.45 16.67
C ILE E 61 15.76 23.71 16.07
N TYR E 62 15.04 24.82 16.17
CA TYR E 62 15.47 26.08 15.59
C TYR E 62 15.48 27.18 16.65
N TYR E 63 16.49 28.04 16.60
CA TYR E 63 16.70 29.08 17.59
C TYR E 63 16.76 30.44 16.90
N ALA E 64 16.43 31.48 17.67
CA ALA E 64 16.54 32.84 17.16
C ALA E 64 18.00 33.28 17.09
N ASP E 65 18.24 34.34 16.33
CA ASP E 65 19.60 34.85 16.17
C ASP E 65 20.16 35.36 17.48
N THR E 66 19.34 36.06 18.27
CA THR E 66 19.82 36.64 19.52
C THR E 66 20.21 35.57 20.54
N VAL E 67 19.44 34.49 20.62
CA VAL E 67 19.63 33.49 21.66
C VAL E 67 20.41 32.28 21.17
N LYS E 68 20.99 32.35 19.97
CA LYS E 68 21.74 31.23 19.44
C LYS E 68 23.03 31.01 20.22
N GLY E 69 23.30 29.76 20.58
CA GLY E 69 24.52 29.39 21.26
C GLY E 69 24.45 29.41 22.77
N ARG E 70 23.38 29.96 23.36
CA ARG E 70 23.24 30.02 24.80
C ARG E 70 21.86 29.62 25.30
N PHE E 71 20.96 29.21 24.42
CA PHE E 71 19.62 28.77 24.78
C PHE E 71 19.44 27.32 24.33
N THR E 72 18.85 26.49 25.17
CA THR E 72 18.56 25.11 24.78
C THR E 72 17.12 24.77 25.10
N ILE E 73 16.52 23.93 24.26
CA ILE E 73 15.12 23.53 24.39
C ILE E 73 15.05 22.01 24.40
N SER E 74 14.08 21.47 25.13
CA SER E 74 13.85 20.03 25.16
C SER E 74 12.39 19.77 25.46
N ARG E 75 11.93 18.56 25.13
CA ARG E 75 10.57 18.17 25.40
C ARG E 75 10.53 16.71 25.80
N ASP E 76 9.69 16.42 26.81
CA ASP E 76 9.51 15.08 27.35
C ASP E 76 8.07 14.67 27.10
N ASP E 77 7.85 13.83 26.09
CA ASP E 77 6.49 13.47 25.70
C ASP E 77 5.76 12.66 26.75
N PRO E 78 6.32 11.58 27.33
CA PRO E 78 5.57 10.84 28.37
C PRO E 78 5.17 11.70 29.55
N LYS E 79 6.02 12.64 29.96
CA LYS E 79 5.66 13.57 31.00
C LYS E 79 4.88 14.77 30.49
N ASN E 80 4.74 14.91 29.17
CA ASN E 80 4.00 16.00 28.54
C ASN E 80 4.52 17.35 29.01
N THR E 81 5.85 17.50 28.96
CA THR E 81 6.51 18.69 29.50
C THR E 81 7.47 19.27 28.48
N LEU E 82 7.73 20.57 28.62
CA LEU E 82 8.69 21.28 27.79
C LEU E 82 9.66 22.04 28.70
N PHE E 83 10.95 21.86 28.47
CA PHE E 83 11.99 22.50 29.28
C PHE E 83 12.76 23.50 28.42
N LEU E 84 13.03 24.66 28.99
CA LEU E 84 13.91 25.67 28.38
C LEU E 84 15.03 25.98 29.36
N GLN E 85 16.27 25.78 28.92
CA GLN E 85 17.47 26.05 29.70
C GLN E 85 18.17 27.29 29.16
N MET E 86 18.48 28.22 30.06
CA MET E 86 19.13 29.47 29.70
C MET E 86 20.45 29.58 30.43
N THR E 87 21.52 29.86 29.69
CA THR E 87 22.86 30.05 30.23
C THR E 87 23.42 31.39 29.74
N SER E 88 24.16 32.06 30.62
CA SER E 88 24.79 33.35 30.32
C SER E 88 23.78 34.36 29.77
N LEU E 89 22.69 34.52 30.51
CA LEU E 89 21.65 35.44 30.11
C LEU E 89 22.12 36.89 30.27
N ARG E 90 21.52 37.77 29.47
CA ARG E 90 21.86 39.19 29.47
C ARG E 90 20.76 39.98 30.18
N SER E 91 20.93 41.31 30.20
CA SER E 91 19.92 42.17 30.80
C SER E 91 18.71 42.34 29.90
N GLU E 92 18.85 42.01 28.61
CA GLU E 92 17.75 42.12 27.66
C GLU E 92 16.86 40.88 27.64
N ASP E 93 17.21 39.84 28.39
CA ASP E 93 16.39 38.63 28.42
C ASP E 93 15.29 38.69 29.46
N THR E 94 15.22 39.76 30.25
CA THR E 94 14.15 39.92 31.24
C THR E 94 12.86 40.24 30.51
N ALA E 95 11.94 39.29 30.46
CA ALA E 95 10.71 39.44 29.68
C ALA E 95 9.71 38.40 30.15
N MET E 96 8.53 38.39 29.50
CA MET E 96 7.50 37.40 29.76
C MET E 96 7.60 36.29 28.73
N TYR E 97 7.59 35.05 29.19
CA TYR E 97 7.73 33.89 28.31
C TYR E 97 6.36 33.33 27.98
N TYR E 98 6.12 33.10 26.69
CA TYR E 98 4.88 32.49 26.21
C TYR E 98 5.20 31.20 25.47
N CYS E 99 4.49 30.14 25.84
CA CYS E 99 4.60 28.83 25.20
C CYS E 99 3.38 28.60 24.32
N VAL E 100 3.63 28.19 23.07
CA VAL E 100 2.57 28.06 22.08
C VAL E 100 2.64 26.67 21.46
N ARG E 101 1.48 26.04 21.33
CA ARG E 101 1.34 24.79 20.60
C ARG E 101 0.99 25.09 19.15
N SER E 102 1.64 24.38 18.23
CA SER E 102 1.39 24.59 16.81
C SER E 102 1.44 23.24 16.10
N ILE E 103 0.39 22.93 15.35
CA ILE E 103 0.32 21.71 14.55
C ILE E 103 0.49 22.11 13.09
N TYR E 104 1.11 21.24 12.30
CA TYR E 104 1.51 21.56 10.93
C TYR E 104 1.02 20.48 9.97
N TYR E 105 -0.08 20.77 9.28
CA TYR E 105 -0.54 19.98 8.16
C TYR E 105 -1.42 20.86 7.29
N TYR E 106 -1.85 20.34 6.15
CA TYR E 106 -2.71 21.10 5.26
C TYR E 106 -4.05 21.40 5.93
N GLY E 107 -4.41 22.67 5.99
CA GLY E 107 -5.61 23.08 6.66
C GLY E 107 -5.49 23.25 8.15
N SER E 108 -4.30 23.07 8.72
CA SER E 108 -4.10 23.22 10.15
C SER E 108 -4.08 24.70 10.52
N SER E 109 -4.15 24.96 11.83
CA SER E 109 -4.13 26.32 12.38
C SER E 109 -2.99 26.45 13.37
N PRO E 110 -1.78 26.76 12.91
CA PRO E 110 -0.66 26.94 13.84
C PRO E 110 -0.89 28.14 14.74
N PHE E 111 -0.24 28.09 15.91
CA PHE E 111 -0.37 29.12 16.94
C PHE E 111 -1.82 29.30 17.38
N ASP E 112 -2.57 28.20 17.46
CA ASP E 112 -3.98 28.27 17.81
C ASP E 112 -4.18 28.62 19.29
N PHE E 113 -3.36 28.04 20.17
CA PHE E 113 -3.49 28.21 21.61
C PHE E 113 -2.18 28.72 22.18
N TRP E 114 -2.26 29.70 23.08
CA TRP E 114 -1.11 30.26 23.76
C TRP E 114 -1.22 29.96 25.25
N GLY E 115 -0.20 29.33 25.80
CA GLY E 115 -0.19 29.03 27.22
C GLY E 115 0.04 30.26 28.07
N GLN E 116 -0.28 30.13 29.36
CA GLN E 116 -0.06 31.23 30.29
C GLN E 116 1.43 31.47 30.46
N GLY E 117 1.85 32.72 30.23
CA GLY E 117 3.25 33.04 30.26
C GLY E 117 3.79 33.29 31.66
N THR E 118 5.11 33.24 31.76
CA THR E 118 5.82 33.52 33.00
C THR E 118 6.48 34.88 32.90
N THR E 119 7.27 35.22 33.93
CA THR E 119 8.03 36.47 33.96
C THR E 119 9.43 36.18 34.48
N LEU E 120 10.44 36.71 33.79
CA LEU E 120 11.83 36.58 34.21
C LEU E 120 12.43 37.98 34.28
N THR E 121 12.99 38.33 35.43
CA THR E 121 13.64 39.61 35.63
C THR E 121 15.13 39.41 35.85
N VAL E 122 15.95 40.11 35.06
CA VAL E 122 17.40 39.99 35.11
C VAL E 122 17.97 41.19 35.86
N SER E 123 18.84 40.90 36.82
CA SER E 123 19.46 41.95 37.63
C SER E 123 20.59 42.64 36.87
N SER E 139 18.24 38.30 5.25
CA SER E 139 18.21 38.39 6.70
C SER E 139 16.79 38.24 7.23
N ASP E 140 16.56 38.76 8.43
CA ASP E 140 15.23 38.67 9.05
C ASP E 140 14.23 39.53 8.29
N ILE E 141 13.01 39.01 8.14
CA ILE E 141 11.95 39.75 7.47
C ILE E 141 11.34 40.73 8.47
N VAL E 142 11.29 42.00 8.10
CA VAL E 142 10.87 43.06 9.01
C VAL E 142 9.38 43.30 8.86
N MET E 143 8.66 43.31 9.99
CA MET E 143 7.24 43.64 10.05
C MET E 143 7.10 45.11 10.45
N THR E 144 6.24 45.84 9.74
CA THR E 144 6.02 47.25 10.01
C THR E 144 4.55 47.51 10.25
N GLN E 145 4.25 48.21 11.34
CA GLN E 145 2.89 48.64 11.68
C GLN E 145 2.86 50.16 11.73
N ALA E 146 2.22 50.77 10.73
CA ALA E 146 2.21 52.23 10.64
C ALA E 146 1.46 52.85 11.81
N THR E 147 0.32 52.28 12.19
CA THR E 147 -0.52 52.83 13.24
C THR E 147 -0.14 52.23 14.59
N SER E 148 0.05 53.10 15.58
CA SER E 148 0.35 52.67 16.95
C SER E 148 -0.89 52.70 17.84
N SER E 149 -1.56 53.83 17.93
CA SER E 149 -2.80 53.96 18.70
C SER E 149 -3.88 54.54 17.80
N VAL E 150 -5.01 53.85 17.70
CA VAL E 150 -6.13 54.26 16.85
C VAL E 150 -7.36 54.39 17.73
N PRO E 151 -7.94 55.59 17.87
CA PRO E 151 -9.17 55.72 18.66
C PRO E 151 -10.37 55.17 17.89
N VAL E 152 -11.25 54.49 18.60
CA VAL E 152 -12.44 53.90 17.99
C VAL E 152 -13.54 53.71 19.04
N PRO E 154 -16.53 51.78 19.71
CA PRO E 154 -17.25 50.54 19.38
C PRO E 154 -18.30 50.74 18.29
N GLY E 155 -18.55 49.70 17.51
CA GLY E 155 -19.52 49.78 16.43
C GLY E 155 -19.03 50.41 15.15
N GLU E 156 -17.75 50.75 15.07
CA GLU E 156 -17.17 51.37 13.89
C GLU E 156 -16.15 50.44 13.26
N SER E 157 -16.19 50.31 11.94
CA SER E 157 -15.24 49.46 11.23
C SER E 157 -13.83 50.02 11.36
N VAL E 158 -12.87 49.12 11.63
CA VAL E 158 -11.47 49.50 11.81
C VAL E 158 -10.63 48.69 10.83
N SER E 159 -9.74 49.38 10.12
CA SER E 159 -8.83 48.76 9.17
C SER E 159 -7.40 48.94 9.64
N ILE E 160 -6.65 47.84 9.69
CA ILE E 160 -5.25 47.85 10.12
C ILE E 160 -4.40 47.27 9.01
N SER E 161 -3.33 47.98 8.64
CA SER E 161 -2.48 47.61 7.52
C SER E 161 -1.11 47.17 8.02
N CYS E 162 -0.62 46.06 7.48
CA CYS E 162 0.70 45.53 7.80
C CYS E 162 1.49 45.39 6.50
N ARG E 163 2.75 45.80 6.53
CA ARG E 163 3.62 45.77 5.36
C ARG E 163 4.84 44.90 5.62
N SER E 164 5.26 44.17 4.60
CA SER E 164 6.39 43.26 4.68
C SER E 164 7.50 43.68 3.74
N SER E 165 8.74 43.34 4.10
CA SER E 165 9.88 43.67 3.26
C SER E 165 9.79 42.97 1.91
N LYS E 166 9.40 41.71 1.90
CA LYS E 166 9.21 40.95 0.66
C LYS E 166 7.89 40.22 0.72
N SER E 167 7.37 39.88 -0.46
CA SER E 167 6.03 39.31 -0.57
C SER E 167 5.95 37.97 0.15
N LEU E 168 4.89 37.80 0.94
CA LEU E 168 4.64 36.55 1.67
C LEU E 168 3.68 35.66 0.87
N LEU E 169 4.14 35.24 -0.29
CA LEU E 169 3.36 34.38 -1.19
C LEU E 169 4.30 33.40 -1.86
N HIS E 170 4.18 32.12 -1.51
CA HIS E 170 5.05 31.09 -2.04
C HIS E 170 4.51 30.58 -3.38
N SER E 171 5.30 29.73 -4.03
CA SER E 171 4.92 29.21 -5.34
C SER E 171 3.68 28.33 -5.25
N ASN E 172 3.49 27.63 -4.14
CA ASN E 172 2.34 26.75 -3.99
C ASN E 172 1.01 27.49 -3.91
N GLY E 173 1.05 28.81 -3.72
CA GLY E 173 -0.16 29.60 -3.62
C GLY E 173 -0.62 29.89 -2.20
N ASN E 174 0.18 29.54 -1.20
CA ASN E 174 -0.17 29.76 0.19
C ASN E 174 0.53 31.01 0.70
N THR E 175 -0.23 31.89 1.34
CA THR E 175 0.32 33.10 1.96
C THR E 175 0.53 32.84 3.44
N TYR E 176 1.63 33.34 3.99
CA TYR E 176 2.03 33.02 5.36
C TYR E 176 2.13 34.30 6.18
N LEU E 177 1.01 34.68 6.80
CA LEU E 177 1.02 35.70 7.85
C LEU E 177 -0.20 35.48 8.73
N TYR E 178 -0.01 35.69 10.04
CA TYR E 178 -1.01 35.44 11.06
C TYR E 178 -1.27 36.74 11.81
N TRP E 179 -2.52 36.91 12.25
CA TRP E 179 -2.92 38.09 13.02
C TRP E 179 -3.26 37.68 14.44
N PHE E 180 -2.61 38.30 15.41
CA PHE E 180 -2.77 37.98 16.82
C PHE E 180 -3.33 39.18 17.57
N LEU E 181 -4.25 38.92 18.49
CA LEU E 181 -4.88 39.96 19.30
C LEU E 181 -4.44 39.75 20.74
N GLN E 182 -4.10 40.84 21.41
CA GLN E 182 -3.65 40.82 22.80
C GLN E 182 -4.66 41.52 23.69
N ARG E 183 -5.31 40.76 24.57
CA ARG E 183 -6.09 41.29 25.67
C ARG E 183 -5.16 41.87 26.73
N PRO E 184 -5.65 42.81 27.53
CA PRO E 184 -4.81 43.35 28.63
C PRO E 184 -4.58 42.33 29.72
N GLY E 185 -3.33 41.90 29.85
CA GLY E 185 -2.91 41.12 31.01
C GLY E 185 -3.08 39.61 30.94
N GLN E 186 -3.05 39.03 29.74
CA GLN E 186 -3.02 37.58 29.60
C GLN E 186 -2.59 37.21 28.18
N SER E 187 -2.59 35.90 27.92
CA SER E 187 -1.99 35.37 26.70
C SER E 187 -2.77 35.81 25.46
N PRO E 188 -2.07 36.03 24.35
CA PRO E 188 -2.75 36.36 23.09
C PRO E 188 -3.48 35.15 22.52
N GLN E 189 -4.37 35.42 21.58
CA GLN E 189 -5.08 34.38 20.85
C GLN E 189 -5.08 34.69 19.36
N LEU E 190 -5.05 33.63 18.55
CA LEU E 190 -5.05 33.78 17.11
C LEU E 190 -6.42 34.23 16.61
N LEU E 191 -6.42 35.10 15.60
CA LEU E 191 -7.65 35.54 14.96
C LEU E 191 -7.76 35.03 13.53
N ILE E 192 -6.77 35.33 12.69
CA ILE E 192 -6.81 35.01 11.27
C ILE E 192 -5.47 34.40 10.88
N TYR E 193 -5.53 33.24 10.21
CA TYR E 193 -4.35 32.55 9.72
C TYR E 193 -4.43 32.46 8.20
N ARG E 194 -3.30 32.67 7.53
CA ARG E 194 -3.21 32.77 6.07
C ARG E 194 -4.03 33.93 5.53
N MET E 195 -4.29 34.92 6.39
CA MET E 195 -4.97 36.21 6.13
C MET E 195 -6.37 36.02 5.57
N SER E 196 -6.81 34.77 5.40
CA SER E 196 -8.13 34.48 4.87
C SER E 196 -8.96 33.62 5.81
N ASN E 197 -8.40 32.52 6.29
CA ASN E 197 -9.14 31.61 7.14
C ASN E 197 -9.32 32.19 8.54
N LEU E 198 -10.43 31.84 9.17
CA LEU E 198 -10.77 32.31 10.51
C LEU E 198 -10.56 31.18 11.51
N ALA E 199 -9.87 31.47 12.60
CA ALA E 199 -9.62 30.47 13.62
C ALA E 199 -10.91 30.12 14.36
N SER E 200 -10.93 28.94 14.96
CA SER E 200 -12.10 28.48 15.70
C SER E 200 -12.34 29.38 16.92
N GLY E 201 -13.60 29.71 17.15
CA GLY E 201 -13.97 30.58 18.25
C GLY E 201 -13.82 32.05 17.97
N VAL E 202 -13.38 32.43 16.78
CA VAL E 202 -13.23 33.84 16.42
C VAL E 202 -14.53 34.34 15.81
N PRO E 203 -15.06 35.48 16.26
CA PRO E 203 -16.30 36.00 15.67
C PRO E 203 -16.12 36.33 14.20
N ASP E 204 -17.22 36.23 13.46
CA ASP E 204 -17.21 36.50 12.03
C ASP E 204 -16.95 37.96 11.69
N ARG E 205 -16.98 38.85 12.68
CA ARG E 205 -16.76 40.27 12.44
C ARG E 205 -15.35 40.53 11.91
N PHE E 206 -14.39 39.69 12.26
CA PHE E 206 -13.04 39.84 11.76
C PHE E 206 -12.96 39.37 10.30
N SER E 207 -12.18 40.08 9.50
CA SER E 207 -11.94 39.67 8.11
C SER E 207 -10.53 40.10 7.71
N GLY E 208 -9.98 39.41 6.72
CA GLY E 208 -8.64 39.73 6.26
C GLY E 208 -8.45 39.60 4.77
N SER E 209 -7.61 40.47 4.21
CA SER E 209 -7.25 40.40 2.80
C SER E 209 -5.81 40.89 2.65
N GLY E 210 -5.30 40.82 1.43
CA GLY E 210 -3.99 41.38 1.18
C GLY E 210 -3.43 40.94 -0.16
N SER E 211 -2.38 41.66 -0.57
CA SER E 211 -1.60 41.31 -1.75
C SER E 211 -0.13 41.55 -1.41
N GLY E 212 0.71 41.50 -2.43
CA GLY E 212 2.15 41.58 -2.26
C GLY E 212 2.63 42.71 -1.37
N THR E 213 3.18 42.36 -0.21
CA THR E 213 3.74 43.27 0.77
C THR E 213 2.72 44.28 1.29
N ALA E 214 1.44 43.92 1.33
CA ALA E 214 0.41 44.82 1.89
C ALA E 214 -0.79 43.99 2.31
N PHE E 215 -0.99 43.84 3.61
CA PHE E 215 -2.09 43.04 4.14
C PHE E 215 -2.98 43.93 4.99
N THR E 216 -4.28 43.66 4.95
CA THR E 216 -5.27 44.46 5.66
C THR E 216 -6.17 43.56 6.50
N LEU E 217 -6.47 44.03 7.71
CA LEU E 217 -7.43 43.39 8.60
C LEU E 217 -8.58 44.36 8.86
N THR E 218 -9.80 43.89 8.68
CA THR E 218 -11.00 44.72 8.80
C THR E 218 -11.90 44.17 9.89
N ILE E 219 -12.41 45.07 10.73
CA ILE E 219 -13.34 44.73 11.80
C ILE E 219 -14.62 45.53 11.59
N SER E 220 -15.76 44.85 11.58
CA SER E 220 -17.05 45.48 11.41
C SER E 220 -17.91 45.24 12.64
N ARG E 221 -18.63 46.29 13.05
CA ARG E 221 -19.47 46.25 14.25
C ARG E 221 -18.66 45.85 15.47
N LEU E 222 -17.63 46.64 15.76
CA LEU E 222 -16.77 46.37 16.91
C LEU E 222 -17.56 46.47 18.20
N GLU E 223 -17.29 45.55 19.12
CA GLU E 223 -18.04 45.47 20.37
C GLU E 223 -17.10 45.45 21.57
N ALA E 224 -17.65 45.13 22.74
CA ALA E 224 -16.85 45.07 23.95
C ALA E 224 -15.85 43.91 23.88
N GLU E 225 -14.82 43.99 24.72
CA GLU E 225 -13.74 43.02 24.83
C GLU E 225 -12.88 42.93 23.56
N ASP E 226 -13.02 43.88 22.64
CA ASP E 226 -12.19 43.93 21.45
C ASP E 226 -10.93 44.77 21.65
N VAL E 227 -10.76 45.39 22.82
CA VAL E 227 -9.58 46.21 23.06
C VAL E 227 -8.36 45.32 23.26
N GLY E 228 -7.30 45.65 22.55
CA GLY E 228 -6.08 44.86 22.62
C GLY E 228 -5.05 45.40 21.64
N VAL E 229 -3.99 44.63 21.47
CA VAL E 229 -2.90 45.00 20.57
C VAL E 229 -2.84 43.99 19.43
N TYR E 230 -2.76 44.48 18.20
CA TYR E 230 -2.80 43.65 17.01
C TYR E 230 -1.38 43.46 16.45
N TYR E 231 -0.99 42.21 16.26
CA TYR E 231 0.33 41.87 15.74
C TYR E 231 0.18 41.08 14.43
N CYS E 232 0.95 41.47 13.42
CA CYS E 232 1.06 40.72 12.18
C CYS E 232 2.39 39.98 12.17
N MET E 233 2.34 38.67 12.00
CA MET E 233 3.51 37.81 12.12
C MET E 233 3.69 36.99 10.85
N GLN E 234 4.90 37.01 10.30
CA GLN E 234 5.20 36.30 9.06
C GLN E 234 5.79 34.93 9.37
N HIS E 235 5.33 33.92 8.61
CA HIS E 235 5.75 32.54 8.84
C HIS E 235 6.35 31.91 7.59
N LEU E 236 6.74 32.72 6.61
CA LEU E 236 7.30 32.16 5.38
C LEU E 236 8.63 31.47 5.64
N GLU E 237 9.49 32.08 6.46
CA GLU E 237 10.79 31.50 6.75
C GLU E 237 11.26 31.97 8.12
N TYR E 238 12.05 31.12 8.77
CA TYR E 238 12.61 31.45 10.07
C TYR E 238 13.75 32.46 9.91
N PRO E 239 14.01 33.30 10.92
CA PRO E 239 13.31 33.38 12.21
C PRO E 239 11.98 34.12 12.15
N LEU E 240 11.06 33.77 13.03
CA LEU E 240 9.78 34.45 13.10
C LEU E 240 9.96 35.86 13.64
N THR E 241 9.28 36.82 13.00
CA THR E 241 9.31 38.22 13.42
C THR E 241 7.88 38.72 13.55
N PHE E 242 7.59 39.41 14.65
CA PHE E 242 6.25 39.90 14.92
C PHE E 242 6.15 41.37 14.55
N GLY E 243 4.91 41.85 14.46
CA GLY E 243 4.66 43.25 14.15
C GLY E 243 4.96 44.17 15.32
N ALA E 244 5.00 45.47 15.01
CA ALA E 244 5.23 46.46 16.04
C ALA E 244 4.08 46.51 17.04
N GLY E 245 2.86 46.38 16.56
CA GLY E 245 1.70 46.38 17.41
C GLY E 245 0.86 47.63 17.24
N THR E 246 -0.44 47.44 17.10
CA THR E 246 -1.40 48.53 16.95
C THR E 246 -2.40 48.47 18.10
N LYS E 247 -2.57 49.58 18.80
CA LYS E 247 -3.45 49.65 19.95
C LYS E 247 -4.76 50.32 19.56
N LEU E 248 -5.88 49.74 19.99
CA LEU E 248 -7.21 50.28 19.74
C LEU E 248 -7.78 50.80 21.05
N GLU E 249 -8.29 52.03 21.02
CA GLU E 249 -8.85 52.67 22.20
C GLU E 249 -10.22 53.23 21.86
N LEU E 250 -11.05 53.38 22.91
CA LEU E 250 -12.39 53.90 22.75
C LEU E 250 -12.36 55.38 22.38
N PRO F 33 42.04 -16.56 -37.52
CA PRO F 33 41.11 -17.54 -36.97
C PRO F 33 40.77 -17.28 -35.50
N GLU F 34 41.71 -17.57 -34.60
CA GLU F 34 41.50 -17.34 -33.18
C GLU F 34 41.33 -15.86 -32.87
N ALA F 35 42.13 -15.00 -33.51
CA ALA F 35 42.04 -13.57 -33.27
C ALA F 35 40.72 -12.98 -33.75
N VAL F 36 39.96 -13.74 -34.55
CA VAL F 36 38.65 -13.30 -34.99
C VAL F 36 37.53 -13.83 -34.10
N ILE F 37 37.68 -15.02 -33.52
CA ILE F 37 36.62 -15.66 -32.76
C ILE F 37 36.68 -15.27 -31.29
N VAL F 38 37.88 -15.00 -30.78
CA VAL F 38 38.06 -14.64 -29.37
C VAL F 38 37.31 -13.35 -29.04
N PRO F 39 37.52 -12.23 -29.74
CA PRO F 39 36.75 -11.03 -29.41
C PRO F 39 35.25 -11.22 -29.56
N LEU F 40 34.82 -12.00 -30.55
CA LEU F 40 33.39 -12.27 -30.71
C LEU F 40 32.83 -13.03 -29.51
N LEU F 41 33.57 -14.03 -29.02
CA LEU F 41 33.12 -14.76 -27.84
C LEU F 41 33.04 -13.85 -26.62
N PHE F 42 34.08 -13.02 -26.41
CA PHE F 42 34.06 -12.11 -25.27
C PHE F 42 32.88 -11.15 -25.36
N ALA F 43 32.64 -10.57 -26.54
CA ALA F 43 31.53 -9.65 -26.71
C ALA F 43 30.19 -10.35 -26.51
N LEU F 44 30.05 -11.58 -27.00
CA LEU F 44 28.80 -12.31 -26.83
C LEU F 44 28.51 -12.57 -25.36
N ILE F 45 29.52 -13.01 -24.62
CA ILE F 45 29.34 -13.24 -23.17
C ILE F 45 28.96 -11.94 -22.48
N PHE F 46 29.67 -10.86 -22.81
CA PHE F 46 29.37 -9.55 -22.25
C PHE F 46 27.91 -9.17 -22.49
N LEU F 47 27.45 -9.30 -23.74
CA LEU F 47 26.10 -8.89 -24.09
C LEU F 47 25.05 -9.73 -23.36
N VAL F 48 25.21 -11.05 -23.39
CA VAL F 48 24.17 -11.91 -22.79
C VAL F 48 24.10 -11.69 -21.28
N GLY F 49 25.26 -11.63 -20.62
CA GLY F 49 25.24 -11.39 -19.18
C GLY F 49 24.68 -10.03 -18.84
N THR F 50 25.06 -9.01 -19.60
CA THR F 50 24.57 -7.65 -19.32
C THR F 50 23.06 -7.55 -19.49
N VAL F 51 22.52 -8.18 -20.54
CA VAL F 51 21.08 -8.08 -20.76
C VAL F 51 20.32 -8.87 -19.71
N GLY F 52 20.84 -10.04 -19.31
CA GLY F 52 20.21 -10.77 -18.22
C GLY F 52 20.19 -9.96 -16.94
N ASN F 53 21.31 -9.33 -16.61
CA ASN F 53 21.34 -8.51 -15.40
C ASN F 53 20.48 -7.26 -15.56
N THR F 54 20.28 -6.79 -16.79
CA THR F 54 19.40 -5.63 -16.99
C THR F 54 17.94 -6.00 -16.71
N LEU F 55 17.51 -7.18 -17.17
CA LEU F 55 16.19 -7.67 -16.76
C LEU F 55 16.10 -7.87 -15.25
N VAL F 56 17.20 -8.34 -14.64
CA VAL F 56 17.21 -8.46 -13.18
C VAL F 56 16.99 -7.10 -12.53
N LEU F 57 17.72 -6.08 -13.00
CA LEU F 57 17.50 -4.71 -12.55
C LEU F 57 16.04 -4.32 -12.66
N ALA F 58 15.46 -4.46 -13.85
CA ALA F 58 14.10 -4.00 -14.07
C ALA F 58 13.12 -4.69 -13.13
N VAL F 59 13.18 -6.01 -13.05
CA VAL F 59 12.21 -6.75 -12.26
C VAL F 59 12.37 -6.45 -10.78
N LEU F 60 13.61 -6.45 -10.28
CA LEU F 60 13.82 -6.31 -8.85
C LEU F 60 13.74 -4.87 -8.38
N LEU F 61 13.77 -3.89 -9.28
CA LEU F 61 13.64 -2.50 -8.86
C LEU F 61 12.24 -1.94 -9.10
N ARG F 62 11.69 -2.11 -10.30
CA ARG F 62 10.43 -1.46 -10.66
C ARG F 62 9.36 -2.50 -10.96
N GLY F 63 9.57 -3.73 -10.49
CA GLY F 63 8.64 -4.82 -10.74
C GLY F 63 7.52 -4.96 -9.73
N GLY F 64 7.46 -4.10 -8.72
CA GLY F 64 6.42 -4.18 -7.71
C GLY F 64 6.74 -5.04 -6.52
N GLN F 65 7.87 -5.75 -6.52
CA GLN F 65 8.27 -6.58 -5.40
C GLN F 65 8.69 -5.69 -4.24
N ALA F 66 8.04 -5.84 -3.09
CA ALA F 66 8.38 -5.06 -1.92
C ALA F 66 9.74 -5.51 -1.37
N VAL F 67 10.27 -4.72 -0.44
CA VAL F 67 11.56 -5.02 0.16
C VAL F 67 11.44 -6.27 1.00
N SER F 68 12.38 -7.20 0.82
CA SER F 68 12.41 -8.44 1.57
C SER F 68 13.83 -9.00 1.55
N THR F 69 14.09 -9.92 2.47
CA THR F 69 15.44 -10.48 2.59
C THR F 69 15.85 -11.19 1.30
N THR F 70 14.97 -12.03 0.75
CA THR F 70 15.27 -12.71 -0.51
C THR F 70 15.47 -11.71 -1.64
N ASN F 71 14.53 -10.79 -1.82
CA ASN F 71 14.65 -9.80 -2.88
C ASN F 71 15.89 -8.96 -2.70
N LEU F 72 16.22 -8.59 -1.46
CA LEU F 72 17.43 -7.80 -1.22
C LEU F 72 18.69 -8.59 -1.59
N PHE F 73 18.74 -9.88 -1.24
CA PHE F 73 19.93 -10.66 -1.54
C PHE F 73 20.14 -10.82 -3.04
N ILE F 74 19.11 -11.24 -3.77
CA ILE F 74 19.28 -11.36 -5.23
C ILE F 74 19.50 -10.00 -5.87
N LEU F 75 18.87 -8.94 -5.35
CA LEU F 75 19.11 -7.60 -5.87
C LEU F 75 20.59 -7.24 -5.77
N ASN F 76 21.13 -7.32 -4.55
CA ASN F 76 22.55 -7.04 -4.35
C ASN F 76 23.40 -7.87 -5.28
N LEU F 77 23.28 -9.20 -5.21
CA LEU F 77 24.14 -10.08 -5.99
C LEU F 77 24.05 -9.74 -7.46
N GLY F 78 22.87 -9.96 -8.07
CA GLY F 78 22.70 -9.69 -9.48
C GLY F 78 23.17 -8.30 -9.86
N VAL F 79 22.44 -7.27 -9.41
CA VAL F 79 22.72 -5.91 -9.87
C VAL F 79 24.18 -5.57 -9.65
N ALA F 80 24.60 -5.44 -8.40
CA ALA F 80 25.91 -4.89 -8.14
C ALA F 80 26.99 -5.81 -8.66
N ASP F 81 27.04 -7.04 -8.14
CA ASP F 81 28.14 -7.93 -8.45
C ASP F 81 28.23 -8.18 -9.95
N LEU F 82 27.13 -8.62 -10.57
CA LEU F 82 27.21 -9.13 -11.93
C LEU F 82 27.37 -7.98 -12.91
N CYS F 83 26.62 -6.88 -12.73
CA CYS F 83 26.79 -5.75 -13.63
C CYS F 83 28.20 -5.20 -13.56
N PHE F 84 28.76 -5.09 -12.34
CA PHE F 84 30.11 -4.54 -12.22
C PHE F 84 31.14 -5.44 -12.89
N ILE F 85 31.10 -6.75 -12.59
CA ILE F 85 32.10 -7.65 -13.15
C ILE F 85 31.98 -7.72 -14.66
N LEU F 86 30.75 -7.72 -15.18
CA LEU F 86 30.57 -7.86 -16.62
C LEU F 86 30.94 -6.57 -17.35
N CYS F 87 30.76 -5.42 -16.69
CA CYS F 87 31.27 -4.17 -17.26
C CYS F 87 32.79 -4.15 -17.27
N CYS F 88 33.42 -4.78 -16.27
CA CYS F 88 34.87 -4.82 -16.22
C CYS F 88 35.49 -5.90 -17.11
N VAL F 89 34.69 -6.84 -17.63
CA VAL F 89 35.24 -7.88 -18.52
C VAL F 89 36.00 -7.30 -19.71
N PRO F 90 35.45 -6.37 -20.49
CA PRO F 90 36.20 -5.89 -21.68
C PRO F 90 37.52 -5.22 -21.33
N PHE F 91 37.60 -4.58 -20.15
CA PHE F 91 38.84 -3.92 -19.77
C PHE F 91 39.97 -4.91 -19.52
N GLN F 92 39.62 -6.20 -19.38
CA GLN F 92 40.64 -7.23 -19.28
C GLN F 92 40.76 -8.03 -20.57
N ALA F 93 39.70 -8.08 -21.37
CA ALA F 93 39.79 -8.68 -22.71
C ALA F 93 40.71 -7.87 -23.62
N THR F 94 40.77 -6.55 -23.42
CA THR F 94 41.67 -5.71 -24.19
C THR F 94 43.13 -6.12 -24.04
N ILE F 95 43.47 -6.82 -22.95
CA ILE F 95 44.83 -7.32 -22.79
C ILE F 95 45.17 -8.30 -23.90
N TYR F 96 44.21 -9.16 -24.26
CA TYR F 96 44.44 -10.17 -25.28
C TYR F 96 44.11 -9.70 -26.68
N THR F 97 43.17 -8.78 -26.86
CA THR F 97 42.67 -8.51 -28.21
C THR F 97 43.12 -7.19 -28.83
N LEU F 98 43.47 -6.17 -28.04
CA LEU F 98 43.99 -4.93 -28.61
C LEU F 98 45.50 -4.85 -28.69
N ASP F 99 46.22 -5.81 -28.10
CA ASP F 99 47.68 -5.91 -28.12
C ASP F 99 48.33 -4.65 -27.54
N GLY F 100 47.62 -3.92 -26.67
CA GLY F 100 48.20 -2.74 -26.04
C GLY F 100 47.31 -2.11 -24.99
N TRP F 101 47.88 -1.77 -23.83
CA TRP F 101 47.12 -1.10 -22.79
C TRP F 101 47.03 0.39 -23.08
N VAL F 102 45.79 0.91 -23.11
CA VAL F 102 45.56 2.31 -23.47
C VAL F 102 44.63 2.97 -22.46
N PHE F 103 44.47 2.36 -21.28
CA PHE F 103 43.54 2.86 -20.28
C PHE F 103 44.20 3.76 -19.25
N GLY F 104 45.50 4.03 -19.37
CA GLY F 104 46.16 4.89 -18.41
C GLY F 104 46.53 4.15 -17.13
N SER F 105 47.06 4.91 -16.19
CA SER F 105 47.60 4.37 -14.95
C SER F 105 46.54 4.17 -13.86
N LEU F 106 45.63 5.12 -13.67
CA LEU F 106 44.61 4.97 -12.65
C LEU F 106 43.68 3.79 -12.95
N LEU F 107 43.31 3.63 -14.21
CA LEU F 107 42.43 2.52 -14.60
C LEU F 107 43.14 1.18 -14.38
N CYS F 108 44.44 1.12 -14.66
CA CYS F 108 45.21 -0.12 -14.52
C CYS F 108 45.08 -0.74 -13.15
N LYS F 109 44.90 0.07 -12.11
CA LYS F 109 44.66 -0.41 -10.75
C LYS F 109 43.18 -0.48 -10.42
N ALA F 110 42.42 0.57 -10.74
CA ALA F 110 41.03 0.64 -10.33
C ALA F 110 40.18 -0.45 -10.95
N VAL F 111 40.39 -0.76 -12.24
CA VAL F 111 39.56 -1.74 -12.92
C VAL F 111 39.73 -3.12 -12.29
N HIS F 112 40.98 -3.53 -12.07
CA HIS F 112 41.22 -4.84 -11.50
C HIS F 112 40.83 -4.89 -10.02
N PHE F 113 40.97 -3.76 -9.32
CA PHE F 113 40.40 -3.66 -7.98
C PHE F 113 38.91 -3.96 -7.99
N LEU F 114 38.19 -3.35 -8.94
CA LEU F 114 36.76 -3.64 -9.09
C LEU F 114 36.51 -5.10 -9.45
N ILE F 115 37.34 -5.65 -10.34
CA ILE F 115 37.15 -7.04 -10.77
C ILE F 115 37.22 -7.99 -9.57
N PHE F 116 38.26 -7.85 -8.75
CA PHE F 116 38.37 -8.77 -7.62
C PHE F 116 37.43 -8.40 -6.48
N LEU F 117 37.02 -7.13 -6.40
CA LEU F 117 35.96 -6.75 -5.47
C LEU F 117 34.68 -7.51 -5.80
N THR F 118 34.33 -7.58 -7.08
CA THR F 118 33.18 -8.37 -7.50
C THR F 118 33.43 -9.87 -7.35
N MET F 119 34.66 -10.33 -7.54
CA MET F 119 34.94 -11.74 -7.27
C MET F 119 34.56 -12.11 -5.84
N HIS F 120 35.09 -11.35 -4.87
CA HIS F 120 34.79 -11.61 -3.46
C HIS F 120 33.33 -11.37 -3.15
N ALA F 121 32.73 -10.33 -3.74
CA ALA F 121 31.32 -10.05 -3.51
C ALA F 121 30.44 -11.21 -3.98
N SER F 122 30.74 -11.74 -5.17
CA SER F 122 29.99 -12.89 -5.66
C SER F 122 30.14 -14.09 -4.74
N SER F 123 31.38 -14.37 -4.31
CA SER F 123 31.58 -15.53 -3.44
C SER F 123 30.81 -15.40 -2.14
N PHE F 124 31.01 -14.27 -1.43
CA PHE F 124 30.34 -14.09 -0.14
C PHE F 124 28.83 -14.01 -0.30
N THR F 125 28.34 -13.38 -1.37
CA THR F 125 26.90 -13.25 -1.53
C THR F 125 26.24 -14.59 -1.87
N LEU F 126 26.91 -15.42 -2.67
CA LEU F 126 26.38 -16.76 -2.92
C LEU F 126 26.36 -17.59 -1.64
N ALA F 127 27.42 -17.49 -0.83
CA ALA F 127 27.41 -18.20 0.44
C ALA F 127 26.28 -17.70 1.34
N ALA F 128 26.08 -16.38 1.40
CA ALA F 128 25.01 -15.83 2.21
C ALA F 128 23.63 -16.24 1.70
N VAL F 129 23.46 -16.30 0.38
CA VAL F 129 22.19 -16.72 -0.19
C VAL F 129 21.90 -18.18 0.15
N SER F 130 22.94 -19.03 0.09
CA SER F 130 22.75 -20.42 0.48
C SER F 130 22.38 -20.53 1.95
N LEU F 131 23.05 -19.76 2.82
CA LEU F 131 22.71 -19.77 4.23
C LEU F 131 21.28 -19.28 4.47
N ASP F 132 20.86 -18.25 3.74
CA ASP F 132 19.50 -17.75 3.86
C ASP F 132 18.49 -18.78 3.40
N ARG F 133 18.81 -19.50 2.33
CA ARG F 133 17.93 -20.58 1.86
C ARG F 133 17.78 -21.65 2.92
N TYR F 134 18.90 -22.03 3.57
CA TYR F 134 18.82 -23.01 4.64
C TYR F 134 18.00 -22.49 5.80
N LEU F 135 18.18 -21.21 6.16
CA LEU F 135 17.44 -20.64 7.28
C LEU F 135 15.93 -20.62 6.99
N ALA F 136 15.55 -20.26 5.77
CA ALA F 136 14.15 -20.18 5.40
C ALA F 136 13.52 -21.54 5.13
N ILE F 137 14.32 -22.56 4.83
CA ILE F 137 13.77 -23.90 4.59
C ILE F 137 13.68 -24.70 5.88
N ARG F 138 14.77 -24.76 6.65
CA ARG F 138 14.76 -25.48 7.91
C ARG F 138 13.82 -24.84 8.93
N TYR F 139 13.82 -23.50 9.00
CA TYR F 139 13.05 -22.75 9.99
C TYR F 139 12.18 -21.74 9.26
N PRO F 140 11.13 -22.20 8.57
CA PRO F 140 10.26 -21.25 7.85
C PRO F 140 9.49 -20.32 8.75
N LEU F 141 9.31 -20.69 10.02
CA LEU F 141 8.52 -19.90 10.96
C LEU F 141 9.36 -19.03 11.89
N HIS F 142 10.32 -19.63 12.61
CA HIS F 142 11.08 -18.88 13.59
C HIS F 142 12.04 -17.88 12.97
N SER F 143 12.45 -18.11 11.72
CA SER F 143 13.39 -17.21 11.07
C SER F 143 12.72 -15.93 10.58
N ARG F 144 11.38 -15.90 10.57
CA ARG F 144 10.67 -14.72 10.07
C ARG F 144 11.09 -13.46 10.80
N GLU F 145 11.31 -13.56 12.12
CA GLU F 145 11.79 -12.42 12.88
C GLU F 145 13.27 -12.14 12.59
N LEU F 146 14.00 -13.16 12.16
CA LEU F 146 15.43 -13.00 11.93
C LEU F 146 15.72 -12.45 10.54
N ARG F 147 14.94 -12.87 9.54
CA ARG F 147 15.17 -12.45 8.16
C ARG F 147 14.44 -11.13 7.90
N THR F 148 14.74 -10.15 8.76
CA THR F 148 14.26 -8.79 8.59
C THR F 148 15.03 -8.10 7.46
N PRO F 149 14.34 -7.29 6.64
CA PRO F 149 15.06 -6.56 5.58
C PRO F 149 16.18 -5.68 6.10
N ARG F 150 16.04 -5.13 7.30
CA ARG F 150 17.14 -4.37 7.89
C ARG F 150 18.35 -5.27 8.14
N ASN F 151 18.13 -6.48 8.64
CA ASN F 151 19.23 -7.42 8.82
C ASN F 151 19.82 -7.84 7.48
N ALA F 152 19.00 -7.99 6.45
CA ALA F 152 19.53 -8.28 5.12
C ALA F 152 20.42 -7.16 4.61
N LEU F 153 20.01 -5.91 4.81
CA LEU F 153 20.83 -4.77 4.42
C LEU F 153 22.13 -4.74 5.20
N ALA F 154 22.07 -5.05 6.50
CA ALA F 154 23.28 -5.11 7.31
C ALA F 154 24.23 -6.18 6.80
N ALA F 155 23.70 -7.35 6.44
CA ALA F 155 24.53 -8.42 5.91
C ALA F 155 25.15 -8.02 4.57
N ILE F 156 24.39 -7.34 3.72
CA ILE F 156 24.93 -6.87 2.44
C ILE F 156 26.06 -5.88 2.68
N GLY F 157 25.86 -4.95 3.61
CA GLY F 157 26.93 -4.01 3.94
C GLY F 157 28.16 -4.71 4.47
N LEU F 158 27.97 -5.70 5.34
CA LEU F 158 29.11 -6.45 5.90
C LEU F 158 29.87 -7.19 4.82
N ILE F 159 29.16 -7.87 3.91
CA ILE F 159 29.85 -8.63 2.88
C ILE F 159 30.54 -7.69 1.89
N TRP F 160 29.94 -6.54 1.59
CA TRP F 160 30.63 -5.57 0.73
C TRP F 160 31.89 -5.03 1.39
N GLY F 161 31.82 -4.74 2.69
CA GLY F 161 33.02 -4.31 3.40
C GLY F 161 34.10 -5.37 3.40
N LEU F 162 33.70 -6.63 3.59
CA LEU F 162 34.66 -7.72 3.56
C LEU F 162 35.30 -7.86 2.18
N SER F 163 34.49 -7.74 1.12
CA SER F 163 35.02 -7.81 -0.24
C SER F 163 36.01 -6.68 -0.49
N LEU F 164 35.69 -5.47 -0.04
CA LEU F 164 36.62 -4.36 -0.18
C LEU F 164 37.92 -4.62 0.59
N LEU F 165 37.80 -5.17 1.81
CA LEU F 165 38.98 -5.42 2.62
C LEU F 165 39.90 -6.45 1.96
N PHE F 166 39.32 -7.52 1.39
CA PHE F 166 40.15 -8.53 0.75
C PHE F 166 40.56 -8.14 -0.68
N SER F 167 39.97 -7.11 -1.26
CA SER F 167 40.34 -6.69 -2.61
C SER F 167 41.19 -5.42 -2.63
N GLY F 168 41.42 -4.80 -1.47
CA GLY F 168 42.23 -3.60 -1.40
C GLY F 168 43.65 -3.70 -1.94
N PRO F 169 44.40 -4.75 -1.57
CA PRO F 169 45.80 -4.81 -2.01
C PRO F 169 46.00 -4.85 -3.51
N TYR F 170 44.98 -5.21 -4.29
CA TYR F 170 45.16 -5.25 -5.74
C TYR F 170 45.24 -3.86 -6.36
N LEU F 171 44.99 -2.81 -5.60
CA LEU F 171 45.26 -1.46 -6.09
C LEU F 171 46.75 -1.23 -6.35
N SER F 172 47.63 -1.96 -5.65
CA SER F 172 49.05 -1.92 -5.93
C SER F 172 49.60 -3.26 -6.40
N TYR F 173 48.82 -4.34 -6.34
CA TYR F 173 49.29 -5.64 -6.78
C TYR F 173 49.55 -5.66 -8.29
N TYR F 174 48.80 -4.86 -9.04
CA TYR F 174 49.09 -4.56 -10.44
C TYR F 174 49.64 -3.15 -10.59
N GLN F 175 50.36 -2.91 -11.68
CA GLN F 175 50.90 -1.61 -12.00
C GLN F 175 51.19 -1.54 -13.50
N GLN F 176 51.08 -0.33 -14.06
CA GLN F 176 51.50 -0.11 -15.43
C GLN F 176 53.00 0.11 -15.51
N SER F 177 53.60 -0.34 -16.61
CA SER F 177 55.03 -0.19 -16.80
C SER F 177 55.36 -0.21 -18.28
N GLN F 178 56.58 0.23 -18.59
CA GLN F 178 57.10 0.29 -19.94
C GLN F 178 58.19 -0.76 -20.10
N LEU F 179 57.89 -1.84 -20.81
CA LEU F 179 58.84 -2.90 -21.09
C LEU F 179 59.12 -2.93 -22.59
N ALA F 180 60.39 -2.78 -22.95
CA ALA F 180 60.83 -2.75 -24.35
C ALA F 180 60.07 -1.62 -25.05
N ASN F 181 59.32 -1.89 -26.11
CA ASN F 181 58.54 -0.87 -26.81
C ASN F 181 57.05 -0.93 -26.48
N LEU F 182 56.68 -1.65 -25.42
CA LEU F 182 55.28 -1.85 -25.08
C LEU F 182 54.99 -1.30 -23.68
N THR F 183 53.76 -0.83 -23.50
CA THR F 183 53.26 -0.43 -22.19
C THR F 183 52.22 -1.45 -21.74
N VAL F 184 52.42 -2.00 -20.55
CA VAL F 184 51.58 -3.11 -20.08
C VAL F 184 51.18 -2.89 -18.63
N CYS F 185 49.94 -3.23 -18.33
CA CYS F 185 49.41 -3.24 -16.97
C CYS F 185 49.58 -4.65 -16.42
N HIS F 186 50.66 -4.88 -15.70
CA HIS F 186 51.07 -6.21 -15.29
C HIS F 186 51.27 -6.24 -13.79
N PRO F 187 51.27 -7.42 -13.18
CA PRO F 187 51.67 -7.51 -11.76
C PRO F 187 53.08 -6.97 -11.56
N ALA F 188 53.18 -5.92 -10.75
CA ALA F 188 54.47 -5.37 -10.33
C ALA F 188 54.55 -5.60 -8.83
N TRP F 189 55.00 -6.78 -8.43
CA TRP F 189 54.92 -7.22 -7.05
C TRP F 189 55.86 -8.40 -6.88
N SER F 190 56.48 -8.48 -5.70
CA SER F 190 57.49 -9.49 -5.45
C SER F 190 56.89 -10.90 -5.47
N ALA F 191 57.59 -11.82 -6.14
CA ALA F 191 57.10 -13.18 -6.26
C ALA F 191 56.89 -13.89 -4.93
N PRO F 192 57.80 -13.83 -3.95
CA PRO F 192 57.52 -14.49 -2.66
C PRO F 192 56.27 -13.98 -1.97
N ARG F 193 55.90 -12.72 -2.15
CA ARG F 193 54.66 -12.18 -1.61
C ARG F 193 53.50 -12.32 -2.59
N ARG F 194 53.78 -12.32 -3.89
CA ARG F 194 52.73 -12.56 -4.88
C ARG F 194 52.13 -13.95 -4.71
N ARG F 195 52.97 -14.94 -4.47
CA ARG F 195 52.48 -16.30 -4.24
C ARG F 195 51.59 -16.35 -3.01
N ALA F 196 52.00 -15.69 -1.93
CA ALA F 196 51.20 -15.67 -0.71
C ALA F 196 49.86 -14.96 -0.93
N MET F 197 49.88 -13.85 -1.67
CA MET F 197 48.63 -13.15 -1.96
C MET F 197 47.70 -13.99 -2.82
N ASP F 198 48.25 -14.71 -3.80
CA ASP F 198 47.44 -15.60 -4.62
C ASP F 198 46.84 -16.72 -3.77
N ILE F 199 47.64 -17.27 -2.85
CA ILE F 199 47.13 -18.32 -1.96
C ILE F 199 46.00 -17.77 -1.08
N CYS F 200 46.18 -16.56 -0.56
CA CYS F 200 45.13 -15.95 0.26
C CYS F 200 43.86 -15.73 -0.55
N THR F 201 44.00 -15.25 -1.78
CA THR F 201 42.83 -15.06 -2.65
C THR F 201 42.14 -16.39 -2.93
N PHE F 202 42.93 -17.44 -3.16
CA PHE F 202 42.35 -18.75 -3.43
C PHE F 202 41.59 -19.28 -2.21
N VAL F 203 42.17 -19.13 -1.02
CA VAL F 203 41.57 -19.73 0.17
C VAL F 203 40.33 -18.93 0.60
N PHE F 204 40.37 -17.61 0.44
CA PHE F 204 39.28 -16.78 0.95
C PHE F 204 38.17 -16.58 -0.07
N SER F 205 38.53 -16.32 -1.33
CA SER F 205 37.51 -16.07 -2.34
C SER F 205 36.87 -17.38 -2.80
N TYR F 206 37.64 -18.46 -2.87
CA TYR F 206 37.10 -19.70 -3.42
C TYR F 206 36.83 -20.74 -2.34
N LEU F 207 37.87 -21.10 -1.56
CA LEU F 207 37.78 -22.29 -0.72
C LEU F 207 36.68 -22.18 0.32
N LEU F 208 36.69 -21.08 1.10
CA LEU F 208 35.67 -20.92 2.13
C LEU F 208 34.26 -20.79 1.55
N PRO F 209 34.01 -19.95 0.54
CA PRO F 209 32.64 -19.88 0.00
C PRO F 209 32.16 -21.17 -0.61
N VAL F 210 33.01 -21.88 -1.37
CA VAL F 210 32.59 -23.15 -1.96
C VAL F 210 32.30 -24.18 -0.87
N LEU F 211 33.14 -24.23 0.17
CA LEU F 211 32.90 -25.16 1.26
C LEU F 211 31.59 -24.84 1.97
N VAL F 212 31.33 -23.56 2.24
CA VAL F 212 30.09 -23.17 2.91
C VAL F 212 28.88 -23.53 2.05
N LEU F 213 28.97 -23.22 0.75
CA LEU F 213 27.89 -23.55 -0.18
C LEU F 213 27.61 -25.04 -0.16
N GLY F 214 28.65 -25.86 -0.30
CA GLY F 214 28.46 -27.30 -0.35
C GLY F 214 27.85 -27.85 0.93
N LEU F 215 28.39 -27.44 2.08
CA LEU F 215 27.87 -27.95 3.35
C LEU F 215 26.43 -27.52 3.57
N THR F 216 26.12 -26.24 3.32
CA THR F 216 24.78 -25.75 3.57
C THR F 216 23.76 -26.40 2.64
N TYR F 217 24.09 -26.53 1.36
CA TYR F 217 23.16 -27.19 0.45
C TYR F 217 23.04 -28.68 0.73
N ALA F 218 24.12 -29.33 1.19
CA ALA F 218 24.02 -30.72 1.60
C ALA F 218 23.05 -30.88 2.77
N ARG F 219 23.15 -29.99 3.76
CA ARG F 219 22.22 -30.05 4.89
C ARG F 219 20.78 -29.78 4.43
N THR F 220 20.60 -28.81 3.54
CA THR F 220 19.26 -28.50 3.04
C THR F 220 18.66 -29.70 2.31
N LEU F 221 19.44 -30.32 1.41
CA LEU F 221 18.96 -31.47 0.67
C LEU F 221 18.67 -32.65 1.59
N ARG F 222 19.50 -32.83 2.61
CA ARG F 222 19.24 -33.91 3.57
C ARG F 222 17.93 -33.66 4.33
N TYR F 223 17.67 -32.41 4.71
CA TYR F 223 16.46 -32.14 5.48
C TYR F 223 15.21 -32.21 4.61
N LEU F 224 15.31 -31.79 3.35
CA LEU F 224 14.14 -31.83 2.47
C LEU F 224 13.66 -33.26 2.24
N TRP F 225 14.59 -34.19 2.03
CA TRP F 225 14.24 -35.57 1.74
C TRP F 225 13.86 -36.36 2.98
N ARG F 226 13.74 -35.69 4.12
CA ARG F 226 13.30 -36.34 5.36
C ARG F 226 12.64 -35.32 6.29
N GLY F 234 1.49 -35.82 -2.12
CA GLY F 234 1.06 -36.23 -3.45
C GLY F 234 2.18 -36.14 -4.48
N SER F 235 1.80 -36.26 -5.76
CA SER F 235 2.80 -36.17 -6.83
C SER F 235 3.38 -34.77 -6.94
N GLY F 236 2.55 -33.75 -6.66
CA GLY F 236 3.04 -32.39 -6.76
C GLY F 236 4.15 -32.08 -5.78
N ALA F 237 4.03 -32.57 -4.55
CA ALA F 237 5.08 -32.36 -3.56
C ALA F 237 6.39 -33.04 -3.99
N ARG F 238 6.29 -34.26 -4.51
CA ARG F 238 7.49 -34.96 -4.98
C ARG F 238 8.13 -34.22 -6.14
N ARG F 239 7.32 -33.72 -7.07
CA ARG F 239 7.86 -32.96 -8.20
C ARG F 239 8.54 -31.68 -7.72
N ALA F 240 7.93 -30.99 -6.75
CA ALA F 240 8.53 -29.77 -6.23
C ALA F 240 9.86 -30.07 -5.54
N LYS F 241 9.92 -31.14 -4.75
CA LYS F 241 11.18 -31.50 -4.09
C LYS F 241 12.25 -31.87 -5.12
N ARG F 242 11.86 -32.61 -6.16
CA ARG F 242 12.82 -32.97 -7.20
C ARG F 242 13.35 -31.72 -7.91
N LYS F 243 12.46 -30.77 -8.23
CA LYS F 243 12.90 -29.55 -8.89
C LYS F 243 13.83 -28.73 -7.99
N VAL F 244 13.51 -28.66 -6.70
CA VAL F 244 14.36 -27.94 -5.75
C VAL F 244 15.74 -28.58 -5.67
N THR F 245 15.77 -29.92 -5.59
CA THR F 245 17.05 -30.63 -5.53
C THR F 245 17.86 -30.39 -6.80
N ARG F 246 17.21 -30.45 -7.96
CA ARG F 246 17.92 -30.21 -9.21
C ARG F 246 18.49 -28.79 -9.26
N MET F 247 17.71 -27.80 -8.83
CA MET F 247 18.18 -26.43 -8.86
C MET F 247 19.34 -26.22 -7.90
N ILE F 248 19.26 -26.80 -6.71
CA ILE F 248 20.35 -26.67 -5.73
C ILE F 248 21.61 -27.31 -6.27
N LEU F 249 21.49 -28.52 -6.85
CA LEU F 249 22.65 -29.21 -7.40
C LEU F 249 23.29 -28.42 -8.54
N ILE F 250 22.46 -27.87 -9.44
CA ILE F 250 23.02 -27.15 -10.57
C ILE F 250 23.70 -25.87 -10.10
N VAL F 251 23.14 -25.19 -9.09
CA VAL F 251 23.79 -23.99 -8.55
C VAL F 251 25.14 -24.35 -7.95
N ALA F 252 25.19 -25.41 -7.14
CA ALA F 252 26.44 -25.77 -6.48
C ALA F 252 27.50 -26.16 -7.51
N ALA F 253 27.14 -27.03 -8.46
CA ALA F 253 28.09 -27.43 -9.49
C ALA F 253 28.52 -26.25 -10.34
N LEU F 254 27.59 -25.32 -10.59
CA LEU F 254 27.89 -24.14 -11.37
C LEU F 254 28.98 -23.31 -10.70
N PHE F 255 28.76 -22.97 -9.42
CA PHE F 255 29.72 -22.13 -8.71
C PHE F 255 31.05 -22.84 -8.53
N CYS F 256 31.04 -24.17 -8.39
CA CYS F 256 32.30 -24.89 -8.27
C CYS F 256 33.08 -24.87 -9.59
N LEU F 257 32.47 -25.40 -10.65
CA LEU F 257 33.19 -25.66 -11.88
C LEU F 257 33.53 -24.39 -12.67
N CYS F 258 32.78 -23.30 -12.46
CA CYS F 258 33.13 -22.10 -13.20
C CYS F 258 34.38 -21.42 -12.66
N TRP F 259 34.51 -21.34 -11.33
CA TRP F 259 35.69 -20.69 -10.77
C TRP F 259 36.83 -21.65 -10.46
N MET F 260 36.64 -22.96 -10.66
CA MET F 260 37.78 -23.87 -10.52
C MET F 260 38.91 -23.59 -11.49
N PRO F 261 38.69 -23.46 -12.81
CA PRO F 261 39.85 -23.46 -13.75
C PRO F 261 40.85 -22.32 -13.53
N HIS F 262 40.38 -21.11 -13.21
CA HIS F 262 41.32 -20.00 -13.09
C HIS F 262 42.27 -20.19 -11.92
N HIS F 263 41.72 -20.54 -10.76
CA HIS F 263 42.58 -20.76 -9.59
C HIS F 263 43.43 -22.02 -9.77
N ALA F 264 42.90 -23.02 -10.48
CA ALA F 264 43.70 -24.18 -10.80
C ALA F 264 44.91 -23.81 -11.65
N LEU F 265 44.71 -22.93 -12.64
CA LEU F 265 45.81 -22.47 -13.47
C LEU F 265 46.82 -21.66 -12.66
N ILE F 266 46.34 -20.81 -11.74
CA ILE F 266 47.25 -20.03 -10.91
C ILE F 266 48.10 -20.95 -10.04
N LEU F 267 47.47 -21.96 -9.42
CA LEU F 267 48.22 -22.90 -8.59
C LEU F 267 49.18 -23.73 -9.44
N CYS F 268 48.80 -24.05 -10.68
CA CYS F 268 49.72 -24.73 -11.58
C CYS F 268 50.93 -23.87 -11.89
N VAL F 269 50.71 -22.57 -12.08
CA VAL F 269 51.82 -21.65 -12.32
C VAL F 269 52.76 -21.61 -11.12
N TRP F 270 52.20 -21.48 -9.92
CA TRP F 270 53.03 -21.24 -8.75
C TRP F 270 53.51 -22.51 -8.06
N PHE F 271 53.07 -23.69 -8.51
CA PHE F 271 53.55 -24.95 -7.94
C PHE F 271 53.75 -26.01 -9.02
N GLY F 272 54.09 -25.60 -10.24
CA GLY F 272 54.33 -26.54 -11.31
C GLY F 272 54.89 -25.82 -12.53
N GLN F 273 55.28 -26.62 -13.52
CA GLN F 273 55.86 -26.10 -14.75
C GLN F 273 54.73 -25.84 -15.75
N PHE F 274 54.45 -24.57 -16.02
CA PHE F 274 53.43 -24.20 -16.99
C PHE F 274 54.12 -23.64 -18.22
N PRO F 275 54.18 -24.36 -19.33
CA PRO F 275 54.85 -23.84 -20.53
C PRO F 275 53.96 -22.84 -21.27
N LEU F 276 54.55 -22.23 -22.28
CA LEU F 276 53.86 -21.27 -23.14
C LEU F 276 53.69 -21.89 -24.52
N THR F 277 52.45 -22.22 -24.87
CA THR F 277 52.14 -22.87 -26.14
C THR F 277 50.74 -22.43 -26.57
N ARG F 278 50.44 -22.64 -27.85
CA ARG F 278 49.10 -22.34 -28.35
C ARG F 278 48.02 -23.07 -27.56
N ALA F 279 48.29 -24.32 -27.15
CA ALA F 279 47.35 -25.04 -26.30
C ALA F 279 47.19 -24.33 -24.95
N THR F 280 48.29 -23.84 -24.39
CA THR F 280 48.21 -23.11 -23.12
C THR F 280 47.43 -21.81 -23.28
N TYR F 281 47.62 -21.10 -24.39
CA TYR F 281 46.84 -19.89 -24.65
C TYR F 281 45.36 -20.22 -24.77
N ALA F 282 45.03 -21.30 -25.47
CA ALA F 282 43.64 -21.72 -25.59
C ALA F 282 43.05 -22.07 -24.22
N LEU F 283 43.83 -22.75 -23.38
CA LEU F 283 43.36 -23.09 -22.05
C LEU F 283 43.12 -21.84 -21.21
N ARG F 284 44.01 -20.86 -21.32
CA ARG F 284 43.83 -19.59 -20.61
C ARG F 284 42.56 -18.88 -21.07
N ILE F 285 42.32 -18.85 -22.39
CA ILE F 285 41.11 -18.23 -22.91
C ILE F 285 39.88 -18.97 -22.42
N LEU F 286 39.93 -20.31 -22.39
CA LEU F 286 38.80 -21.09 -21.90
C LEU F 286 38.54 -20.81 -20.43
N SER F 287 39.60 -20.68 -19.63
CA SER F 287 39.44 -20.36 -18.21
C SER F 287 38.79 -18.99 -18.03
N HIS F 288 39.26 -18.00 -18.78
CA HIS F 288 38.63 -16.68 -18.70
C HIS F 288 37.18 -16.73 -19.14
N LEU F 289 36.88 -17.48 -20.20
CA LEU F 289 35.52 -17.57 -20.70
C LEU F 289 34.59 -18.22 -19.68
N VAL F 290 35.04 -19.29 -19.02
CA VAL F 290 34.17 -19.92 -18.01
C VAL F 290 34.04 -19.03 -16.78
N SER F 291 35.09 -18.30 -16.42
CA SER F 291 34.98 -17.36 -15.31
C SER F 291 33.93 -16.29 -15.60
N TYR F 292 33.92 -15.77 -16.82
CA TYR F 292 32.87 -14.81 -17.19
C TYR F 292 31.50 -15.47 -17.32
N ALA F 293 31.44 -16.70 -17.82
CA ALA F 293 30.16 -17.40 -17.97
C ALA F 293 29.52 -17.66 -16.62
N ASN F 294 30.33 -17.82 -15.57
CA ASN F 294 29.77 -17.89 -14.22
C ASN F 294 28.83 -16.71 -13.96
N SER F 295 29.37 -15.50 -14.01
CA SER F 295 28.58 -14.30 -13.76
C SER F 295 27.50 -14.10 -14.82
N CYS F 296 27.74 -14.60 -16.04
CA CYS F 296 26.71 -14.56 -17.07
C CYS F 296 25.48 -15.35 -16.66
N VAL F 297 25.69 -16.53 -16.07
CA VAL F 297 24.58 -17.45 -15.85
C VAL F 297 24.02 -17.39 -14.43
N ASN F 298 24.70 -16.70 -13.49
CA ASN F 298 24.11 -16.54 -12.16
C ASN F 298 22.72 -15.93 -12.20
N PRO F 299 22.46 -14.82 -12.90
CA PRO F 299 21.10 -14.24 -12.84
C PRO F 299 20.05 -15.13 -13.48
N ILE F 300 20.40 -15.85 -14.55
CA ILE F 300 19.45 -16.73 -15.20
C ILE F 300 19.06 -17.88 -14.28
N VAL F 301 20.05 -18.53 -13.68
CA VAL F 301 19.78 -19.70 -12.85
C VAL F 301 19.09 -19.30 -11.56
N TYR F 302 19.56 -18.23 -10.92
CA TYR F 302 18.98 -17.82 -9.65
C TYR F 302 17.59 -17.21 -9.83
N ALA F 303 17.41 -16.41 -10.88
CA ALA F 303 16.22 -15.57 -10.99
C ALA F 303 15.36 -15.85 -12.21
N LEU F 304 15.93 -15.90 -13.40
CA LEU F 304 15.15 -15.88 -14.63
C LEU F 304 14.45 -17.19 -14.96
N VAL F 305 14.44 -18.16 -14.03
CA VAL F 305 13.84 -19.47 -14.33
C VAL F 305 12.50 -19.69 -13.64
N SER F 306 12.13 -18.86 -12.67
CA SER F 306 10.89 -19.05 -11.93
C SER F 306 9.74 -18.31 -12.60
N LYS F 307 8.54 -18.91 -12.53
CA LYS F 307 7.36 -18.27 -13.07
C LYS F 307 7.00 -17.00 -12.30
N HIS F 308 7.30 -16.96 -11.01
CA HIS F 308 7.04 -15.77 -10.21
C HIS F 308 7.86 -14.57 -10.70
N PHE F 309 9.13 -14.83 -11.04
CA PHE F 309 10.00 -13.74 -11.48
C PHE F 309 9.50 -13.16 -12.79
N ARG F 310 9.08 -14.01 -13.73
CA ARG F 310 8.52 -13.52 -14.99
C ARG F 310 7.16 -12.87 -14.79
N LYS F 311 6.39 -13.32 -13.80
CA LYS F 311 5.15 -12.63 -13.45
C LYS F 311 5.44 -11.21 -13.01
N GLY F 312 6.49 -11.02 -12.21
CA GLY F 312 6.94 -9.68 -11.89
C GLY F 312 7.45 -8.92 -13.11
N PHE F 313 8.11 -9.64 -14.02
CA PHE F 313 8.62 -9.02 -15.25
C PHE F 313 7.49 -8.48 -16.11
N ARG F 314 6.33 -9.14 -16.10
CA ARG F 314 5.22 -8.74 -16.96
C ARG F 314 4.80 -7.30 -16.70
N THR F 315 4.98 -6.82 -15.46
CA THR F 315 4.63 -5.44 -15.14
C THR F 315 5.53 -4.46 -15.89
N ILE F 316 6.82 -4.79 -16.02
CA ILE F 316 7.77 -3.87 -16.64
C ILE F 316 7.39 -3.58 -18.09
N CYS F 317 7.06 -4.60 -18.86
CA CYS F 317 6.72 -4.41 -20.27
C CYS F 317 5.32 -3.81 -20.42
#